data_1NZY
#
_entry.id   1NZY
#
_cell.length_a   107.800
_cell.length_b   102.400
_cell.length_c   90.300
_cell.angle_alpha   90.00
_cell.angle_beta   90.00
_cell.angle_gamma   90.00
#
_symmetry.space_group_name_H-M   'P 21 21 2'
#
loop_
_entity.id
_entity.type
_entity.pdbx_description
1 polymer '4-CHLOROBENZOYL COENZYME A DEHALOGENASE'
2 polymer '4-CHLOROBENZOYL COENZYME A DEHALOGENASE'
3 non-polymer 'CALCIUM ION'
4 non-polymer '4-HYDROXYBENZOYL COENZYME A'
5 non-polymer 'PHOSPHATE ION'
6 non-polymer 1,2-ETHANEDIOL
7 water water
#
loop_
_entity_poly.entity_id
_entity_poly.type
_entity_poly.pdbx_seq_one_letter_code
_entity_poly.pdbx_strand_id
1 'polypeptide(L)'
;MYEAIGHRVEDGVAEITIKLPRHRNALSVKAMQEVTDALNRAEEDDSVGAVMITGAEDAFCAGFYLREIPLDKGVAGVRD
HFRIAALWWHQMIHKIIRVKRPVLAAINGVAAGGGLGISLASDMAICADSAKFVCAWHTIGIGNDTATSYSLARIVGMRR
AMELMLTNRTLYPEEAKDWGLVSRVYPKDEFREVAWKVARELAAAPTHLQVMAKERFHAGWMQPVEECTEFEIQNVIASV
THPHFMPCLTRFLDGHRADRPQVELPAGV
;
A,C
2 'polypeptide(L)'
;MYEAIGHRVEDGVAEITIKLPRHRNALSVKAMQEVTDALNRAEEDDSVGAVMITGAEDAFCAGFYLREIPLDKGVAGVRD
HFRIAALWWHQMIHKIIRVKRPVLAAINGVAAGGGLGISLASDMAICADSAKFVCAWHTIGIGNDTATSYSLARIVGMRR
AMELMLTDRTLYPEEAKDWGLVSRVYPKDEFREVAWKVARELAAAPTHLQVMAKERFHAGWMQPVEECTEFEIQNVIASV
THPHFMPCLTRFLDGHRADRPQVELPAGV
;
B
#
# COMPACT_ATOMS: atom_id res chain seq x y z
N MET A 1 -6.01 -38.85 -12.74
CA MET A 1 -4.60 -38.55 -12.94
C MET A 1 -3.87 -38.14 -11.65
N TYR A 2 -4.23 -36.99 -11.07
CA TYR A 2 -3.58 -36.57 -9.84
C TYR A 2 -4.08 -37.40 -8.70
N GLU A 3 -3.22 -37.66 -7.74
CA GLU A 3 -3.67 -38.46 -6.64
C GLU A 3 -3.84 -37.73 -5.33
N ALA A 4 -3.49 -36.45 -5.22
CA ALA A 4 -3.62 -35.78 -3.93
C ALA A 4 -4.35 -34.47 -3.99
N ILE A 5 -4.87 -34.14 -5.18
CA ILE A 5 -5.63 -32.92 -5.37
C ILE A 5 -6.83 -33.24 -6.23
N GLY A 6 -7.78 -32.34 -6.23
CA GLY A 6 -8.92 -32.52 -7.08
C GLY A 6 -8.62 -31.61 -8.27
N HIS A 7 -9.01 -32.01 -9.47
CA HIS A 7 -8.70 -31.16 -10.58
C HIS A 7 -9.71 -31.33 -11.72
N ARG A 8 -10.07 -30.21 -12.31
CA ARG A 8 -10.98 -30.34 -13.41
C ARG A 8 -10.91 -29.12 -14.23
N VAL A 9 -11.16 -29.34 -15.53
CA VAL A 9 -11.13 -28.26 -16.45
C VAL A 9 -12.47 -28.20 -17.19
N GLU A 10 -13.23 -27.13 -16.96
CA GLU A 10 -14.54 -26.98 -17.59
C GLU A 10 -14.87 -25.58 -17.77
N ASP A 11 -15.57 -25.28 -18.88
CA ASP A 11 -15.94 -23.92 -19.07
C ASP A 11 -14.81 -22.90 -19.07
N GLY A 12 -13.62 -23.38 -19.51
CA GLY A 12 -12.46 -22.49 -19.60
C GLY A 12 -11.70 -22.33 -18.28
N VAL A 13 -12.18 -23.01 -17.24
CA VAL A 13 -11.58 -22.90 -15.91
C VAL A 13 -10.90 -24.14 -15.49
N ALA A 14 -9.63 -23.99 -15.02
CA ALA A 14 -8.93 -25.15 -14.50
C ALA A 14 -9.12 -24.99 -13.00
N GLU A 15 -9.85 -25.92 -12.41
CA GLU A 15 -10.13 -25.81 -10.98
C GLU A 15 -9.29 -26.77 -10.18
N ILE A 16 -8.49 -26.17 -9.26
CA ILE A 16 -7.61 -26.98 -8.40
C ILE A 16 -8.22 -26.99 -6.97
N THR A 17 -8.52 -28.17 -6.48
CA THR A 17 -9.10 -28.27 -5.17
C THR A 17 -8.12 -28.92 -4.21
N ILE A 18 -7.82 -28.16 -3.13
CA ILE A 18 -6.93 -28.67 -2.07
C ILE A 18 -7.83 -29.65 -1.34
N LYS A 19 -7.41 -30.88 -1.33
CA LYS A 19 -8.20 -31.94 -0.83
C LYS A 19 -7.68 -32.88 0.25
N LEU A 20 -7.86 -32.54 1.51
CA LEU A 20 -7.43 -33.43 2.60
C LEU A 20 -8.29 -32.99 3.79
N PRO A 21 -9.58 -32.96 3.53
CA PRO A 21 -10.62 -32.51 4.42
C PRO A 21 -10.51 -33.01 5.84
N ARG A 22 -10.11 -34.26 5.99
CA ARG A 22 -10.01 -34.78 7.33
C ARG A 22 -8.98 -34.02 8.15
N HIS A 23 -8.04 -33.38 7.46
CA HIS A 23 -6.98 -32.65 8.09
C HIS A 23 -7.00 -31.23 7.72
N ARG A 24 -8.25 -30.77 7.52
CA ARG A 24 -8.54 -29.39 7.21
C ARG A 24 -7.82 -28.86 5.94
N ASN A 25 -7.64 -29.78 5.00
CA ASN A 25 -7.01 -29.37 3.79
C ASN A 25 -5.62 -28.84 3.96
N ALA A 26 -4.88 -29.40 4.91
CA ALA A 26 -3.47 -28.99 5.04
C ALA A 26 -2.83 -29.55 3.69
N LEU A 27 -1.77 -28.92 3.17
CA LEU A 27 -1.13 -29.31 1.90
C LEU A 27 0.14 -30.14 2.05
N SER A 28 0.02 -31.40 1.63
CA SER A 28 1.08 -32.39 1.67
C SER A 28 2.12 -32.06 0.61
N VAL A 29 3.30 -32.57 0.80
CA VAL A 29 4.38 -32.36 -0.17
C VAL A 29 3.93 -32.88 -1.55
N LYS A 30 3.31 -34.06 -1.58
CA LYS A 30 2.86 -34.61 -2.84
C LYS A 30 1.85 -33.68 -3.46
N ALA A 31 0.89 -33.20 -2.66
CA ALA A 31 -0.12 -32.31 -3.17
C ALA A 31 0.41 -31.05 -3.76
N MET A 32 1.38 -30.46 -3.11
CA MET A 32 1.92 -29.20 -3.59
C MET A 32 2.56 -29.37 -4.95
N GLN A 33 3.23 -30.48 -5.14
CA GLN A 33 3.87 -30.77 -6.45
C GLN A 33 2.82 -30.86 -7.54
N GLU A 34 1.68 -31.50 -7.22
CA GLU A 34 0.57 -31.63 -8.16
C GLU A 34 -0.05 -30.26 -8.49
N VAL A 35 -0.20 -29.38 -7.48
CA VAL A 35 -0.73 -28.09 -7.78
C VAL A 35 0.18 -27.36 -8.78
N THR A 36 1.49 -27.45 -8.55
CA THR A 36 2.36 -26.72 -9.48
C THR A 36 2.22 -27.31 -10.89
N ASP A 37 2.21 -28.63 -10.94
CA ASP A 37 2.08 -29.27 -12.22
C ASP A 37 0.80 -28.79 -12.93
N ALA A 38 -0.25 -28.75 -12.17
CA ALA A 38 -1.52 -28.31 -12.68
C ALA A 38 -1.48 -26.91 -13.17
N LEU A 39 -0.69 -26.08 -12.50
CA LEU A 39 -0.57 -24.72 -12.91
C LEU A 39 0.20 -24.63 -14.23
N ASN A 40 1.22 -25.49 -14.36
CA ASN A 40 2.00 -25.50 -15.60
C ASN A 40 1.12 -25.95 -16.75
N ARG A 41 0.32 -26.94 -16.47
CA ARG A 41 -0.56 -27.43 -17.49
C ARG A 41 -1.59 -26.42 -17.94
N ALA A 42 -2.13 -25.68 -17.00
CA ALA A 42 -3.15 -24.69 -17.35
C ALA A 42 -2.69 -23.60 -18.29
N GLU A 43 -1.45 -23.21 -18.07
CA GLU A 43 -0.79 -22.19 -18.83
C GLU A 43 -0.53 -22.68 -20.27
N GLU A 44 -0.46 -23.98 -20.39
CA GLU A 44 -0.22 -24.56 -21.70
C GLU A 44 -1.50 -25.01 -22.42
N ASP A 45 -2.65 -24.88 -21.75
CA ASP A 45 -3.93 -25.32 -22.33
C ASP A 45 -4.68 -24.20 -22.96
N ASP A 46 -4.80 -24.26 -24.26
CA ASP A 46 -5.51 -23.22 -24.97
C ASP A 46 -6.94 -23.05 -24.55
N SER A 47 -7.50 -24.13 -24.05
CA SER A 47 -8.84 -24.13 -23.61
C SER A 47 -9.00 -23.60 -22.17
N VAL A 48 -7.91 -23.21 -21.50
CA VAL A 48 -8.05 -22.71 -20.12
C VAL A 48 -7.85 -21.26 -20.13
N GLY A 49 -8.78 -20.52 -19.62
CA GLY A 49 -8.67 -19.09 -19.60
C GLY A 49 -8.38 -18.53 -18.18
N ALA A 50 -8.59 -19.37 -17.17
CA ALA A 50 -8.39 -18.95 -15.78
C ALA A 50 -8.23 -20.13 -14.89
N VAL A 51 -7.60 -19.90 -13.73
CA VAL A 51 -7.42 -20.98 -12.80
C VAL A 51 -8.18 -20.63 -11.53
N MET A 52 -8.73 -21.62 -10.86
CA MET A 52 -9.40 -21.35 -9.60
C MET A 52 -8.87 -22.32 -8.58
N ILE A 53 -8.46 -21.77 -7.43
CA ILE A 53 -7.98 -22.66 -6.39
C ILE A 53 -8.99 -22.56 -5.22
N THR A 54 -9.36 -23.70 -4.70
CA THR A 54 -10.31 -23.76 -3.59
C THR A 54 -10.04 -25.02 -2.78
N GLY A 55 -10.74 -25.16 -1.63
CA GLY A 55 -10.56 -26.30 -0.80
C GLY A 55 -11.79 -27.16 -0.83
N ALA A 56 -11.59 -28.42 -0.51
CA ALA A 56 -12.68 -29.37 -0.44
C ALA A 56 -13.49 -29.12 0.82
N GLU A 57 -14.77 -29.45 0.76
CA GLU A 57 -15.62 -29.27 1.93
C GLU A 57 -15.65 -27.87 2.46
N ASP A 58 -15.44 -27.80 3.77
CA ASP A 58 -15.57 -26.50 4.37
C ASP A 58 -14.37 -25.78 4.84
N ALA A 59 -13.20 -26.24 4.43
CA ALA A 59 -11.97 -25.55 4.82
C ALA A 59 -11.26 -25.14 3.52
N PHE A 60 -10.50 -24.05 3.58
CA PHE A 60 -9.77 -23.66 2.39
C PHE A 60 -8.44 -24.46 2.42
N CYS A 61 -7.54 -24.11 3.37
CA CYS A 61 -6.26 -24.81 3.48
C CYS A 61 -5.61 -24.41 4.84
N ALA A 62 -5.35 -25.42 5.63
CA ALA A 62 -4.78 -25.24 6.94
C ALA A 62 -3.28 -25.06 6.99
N GLY A 63 -2.64 -24.93 5.82
CA GLY A 63 -1.20 -24.68 5.75
C GLY A 63 -0.33 -25.94 5.74
N PHE A 64 0.84 -25.80 6.33
CA PHE A 64 1.75 -26.91 6.41
C PHE A 64 1.09 -28.19 6.89
N TYR A 65 1.46 -29.29 6.28
CA TYR A 65 0.92 -30.56 6.67
C TYR A 65 1.84 -31.10 7.74
N LEU A 66 1.50 -30.72 8.98
CA LEU A 66 2.21 -31.05 10.21
C LEU A 66 2.31 -32.52 10.59
N ARG A 67 1.36 -33.28 10.12
CA ARG A 67 1.32 -34.68 10.41
C ARG A 67 2.31 -35.47 9.54
N GLU A 68 2.99 -34.83 8.60
CA GLU A 68 3.92 -35.61 7.84
C GLU A 68 5.33 -35.28 8.23
N ILE A 69 5.49 -34.58 9.32
CA ILE A 69 6.81 -34.27 9.79
C ILE A 69 7.30 -35.47 10.56
N PRO A 70 8.50 -35.96 10.24
CA PRO A 70 9.08 -37.11 10.92
C PRO A 70 9.40 -36.81 12.35
N LEU A 71 9.10 -37.76 13.23
CA LEU A 71 9.36 -37.57 14.67
C LEU A 71 10.37 -38.57 15.29
N ASP A 72 10.77 -39.56 14.50
CA ASP A 72 11.71 -40.61 14.90
C ASP A 72 13.05 -40.50 14.20
N LYS A 73 13.48 -39.27 13.87
CA LYS A 73 14.74 -39.04 13.18
C LYS A 73 15.50 -37.78 13.62
N GLY A 74 15.15 -37.31 14.80
CA GLY A 74 15.80 -36.14 15.37
C GLY A 74 15.56 -34.85 14.65
N VAL A 75 16.31 -33.87 15.13
CA VAL A 75 16.22 -32.55 14.56
C VAL A 75 16.60 -32.59 13.11
N ALA A 76 17.47 -33.54 12.79
CA ALA A 76 17.92 -33.66 11.44
C ALA A 76 16.79 -34.05 10.55
N GLY A 77 15.99 -35.03 11.03
CA GLY A 77 14.82 -35.58 10.32
C GLY A 77 13.81 -34.47 10.12
N VAL A 78 13.71 -33.64 11.15
CA VAL A 78 12.83 -32.52 11.08
C VAL A 78 13.28 -31.53 10.01
N ARG A 79 14.53 -31.09 10.17
CA ARG A 79 15.18 -30.15 9.27
C ARG A 79 15.10 -30.63 7.85
N ASP A 80 15.35 -31.91 7.66
CA ASP A 80 15.30 -32.45 6.32
C ASP A 80 13.91 -32.37 5.71
N HIS A 81 12.91 -32.69 6.51
CA HIS A 81 11.61 -32.64 5.94
C HIS A 81 11.25 -31.20 5.56
N PHE A 82 11.55 -30.28 6.44
CA PHE A 82 11.21 -28.90 6.13
C PHE A 82 11.94 -28.38 4.89
N ARG A 83 13.18 -28.82 4.64
CA ARG A 83 13.89 -28.31 3.45
C ARG A 83 13.13 -28.73 2.21
N ILE A 84 12.68 -29.99 2.22
CA ILE A 84 11.96 -30.50 1.09
C ILE A 84 10.63 -29.81 0.91
N ALA A 85 9.88 -29.77 2.00
CA ALA A 85 8.55 -29.18 1.92
C ALA A 85 8.64 -27.73 1.52
N ALA A 86 9.68 -27.08 2.07
CA ALA A 86 9.88 -25.67 1.78
C ALA A 86 10.17 -25.40 0.29
N LEU A 87 10.88 -26.31 -0.33
CA LEU A 87 11.19 -26.16 -1.74
C LEU A 87 9.90 -26.25 -2.50
N TRP A 88 9.13 -27.28 -2.22
CA TRP A 88 7.89 -27.40 -2.92
C TRP A 88 6.86 -26.35 -2.62
N TRP A 89 6.72 -25.91 -1.36
CA TRP A 89 5.73 -24.88 -1.08
C TRP A 89 5.99 -23.62 -1.90
N HIS A 90 7.28 -23.23 -2.00
CA HIS A 90 7.68 -22.01 -2.72
C HIS A 90 7.67 -22.15 -4.26
N GLN A 91 7.97 -23.36 -4.72
CA GLN A 91 7.91 -23.54 -6.15
C GLN A 91 6.43 -23.27 -6.56
N MET A 92 5.49 -23.73 -5.73
CA MET A 92 4.04 -23.57 -5.93
C MET A 92 3.59 -22.12 -5.78
N ILE A 93 4.03 -21.49 -4.69
CA ILE A 93 3.67 -20.09 -4.47
C ILE A 93 4.16 -19.20 -5.61
N HIS A 94 5.42 -19.42 -5.96
CA HIS A 94 5.99 -18.61 -7.04
C HIS A 94 5.17 -18.85 -8.32
N LYS A 95 4.77 -20.12 -8.56
CA LYS A 95 4.00 -20.47 -9.77
C LYS A 95 2.67 -19.76 -9.78
N ILE A 96 2.06 -19.63 -8.61
CA ILE A 96 0.78 -18.93 -8.63
C ILE A 96 0.96 -17.51 -9.12
N ILE A 97 2.04 -16.90 -8.66
CA ILE A 97 2.36 -15.55 -9.00
C ILE A 97 2.86 -15.34 -10.45
N ARG A 98 3.62 -16.31 -10.95
CA ARG A 98 4.18 -16.14 -12.30
C ARG A 98 3.34 -16.78 -13.41
N VAL A 99 2.40 -17.66 -13.09
CA VAL A 99 1.62 -18.34 -14.11
C VAL A 99 0.94 -17.36 -15.07
N LYS A 100 1.00 -17.69 -16.39
CA LYS A 100 0.40 -16.86 -17.41
C LYS A 100 -1.13 -17.05 -17.54
N ARG A 101 -1.81 -16.94 -16.40
CA ARG A 101 -3.29 -17.10 -16.33
C ARG A 101 -3.68 -16.35 -15.08
N PRO A 102 -4.89 -15.76 -15.07
CA PRO A 102 -5.36 -15.09 -13.86
C PRO A 102 -5.76 -16.27 -12.90
N VAL A 103 -5.43 -16.13 -11.59
CA VAL A 103 -5.72 -17.15 -10.59
C VAL A 103 -6.66 -16.57 -9.53
N LEU A 104 -7.80 -17.22 -9.34
CA LEU A 104 -8.81 -16.76 -8.37
C LEU A 104 -8.78 -17.69 -7.23
N ALA A 105 -8.61 -17.09 -6.05
CA ALA A 105 -8.62 -17.90 -4.85
C ALA A 105 -10.10 -17.84 -4.34
N ALA A 106 -10.74 -18.98 -4.35
CA ALA A 106 -12.10 -19.13 -3.87
C ALA A 106 -12.01 -19.73 -2.43
N ILE A 107 -11.85 -18.80 -1.47
CA ILE A 107 -11.68 -19.15 -0.08
C ILE A 107 -13.02 -19.51 0.62
N ASN A 108 -13.28 -20.82 0.59
CA ASN A 108 -14.50 -21.42 1.12
C ASN A 108 -14.44 -21.83 2.59
N GLY A 109 -13.42 -21.38 3.31
CA GLY A 109 -13.26 -21.74 4.73
C GLY A 109 -11.96 -21.18 5.29
N VAL A 110 -11.49 -21.80 6.35
CA VAL A 110 -10.30 -21.31 6.95
C VAL A 110 -9.07 -21.49 6.03
N ALA A 111 -8.27 -20.43 6.09
CA ALA A 111 -7.00 -20.27 5.41
C ALA A 111 -5.98 -19.89 6.52
N ALA A 112 -5.11 -20.82 6.80
CA ALA A 112 -4.11 -20.58 7.80
C ALA A 112 -2.69 -20.86 7.25
N GLY A 113 -1.75 -20.05 7.72
CA GLY A 113 -0.35 -20.22 7.37
C GLY A 113 -0.16 -20.28 5.87
N GLY A 114 0.38 -21.39 5.37
CA GLY A 114 0.57 -21.49 3.92
C GLY A 114 -0.74 -21.29 3.14
N GLY A 115 -1.91 -21.62 3.82
CA GLY A 115 -3.24 -21.46 3.21
C GLY A 115 -3.51 -19.99 2.97
N LEU A 116 -3.13 -19.15 3.91
CA LEU A 116 -3.27 -17.72 3.77
C LEU A 116 -2.24 -17.26 2.67
N GLY A 117 -1.05 -17.87 2.67
CA GLY A 117 -0.03 -17.52 1.65
C GLY A 117 -0.60 -17.72 0.25
N ILE A 118 -1.26 -18.85 0.07
CA ILE A 118 -1.91 -19.19 -1.22
C ILE A 118 -2.90 -18.08 -1.63
N SER A 119 -3.72 -17.69 -0.64
CA SER A 119 -4.73 -16.65 -0.85
C SER A 119 -4.15 -15.34 -1.24
N LEU A 120 -3.04 -15.03 -0.62
CA LEU A 120 -2.42 -13.76 -0.92
C LEU A 120 -1.63 -13.81 -2.25
N ALA A 121 -1.13 -14.97 -2.66
CA ALA A 121 -0.35 -15.03 -3.93
C ALA A 121 -1.27 -14.94 -5.16
N SER A 122 -2.52 -15.36 -5.00
CA SER A 122 -3.50 -15.35 -6.10
C SER A 122 -3.77 -13.97 -6.63
N ASP A 123 -4.31 -13.88 -7.86
CA ASP A 123 -4.58 -12.58 -8.43
C ASP A 123 -5.87 -11.94 -7.90
N MET A 124 -6.86 -12.78 -7.63
CA MET A 124 -8.14 -12.30 -7.12
C MET A 124 -8.59 -13.21 -6.02
N ALA A 125 -9.30 -12.63 -5.05
CA ALA A 125 -9.77 -13.45 -3.96
C ALA A 125 -11.16 -12.99 -3.49
N ILE A 126 -11.97 -14.00 -3.26
CA ILE A 126 -13.32 -13.86 -2.74
C ILE A 126 -13.51 -14.96 -1.68
N CYS A 127 -14.40 -14.78 -0.68
CA CYS A 127 -14.54 -15.88 0.30
C CYS A 127 -15.99 -16.03 0.80
N ALA A 128 -16.23 -17.14 1.44
CA ALA A 128 -17.55 -17.37 1.99
C ALA A 128 -17.57 -16.65 3.34
N ASP A 129 -18.79 -16.43 3.79
CA ASP A 129 -18.97 -15.75 5.05
C ASP A 129 -18.47 -16.54 6.24
N SER A 130 -18.28 -17.84 6.03
CA SER A 130 -17.79 -18.70 7.06
C SER A 130 -16.25 -18.85 6.99
N ALA A 131 -15.58 -18.15 6.07
CA ALA A 131 -14.11 -18.28 5.96
C ALA A 131 -13.40 -17.48 7.07
N LYS A 132 -12.12 -17.75 7.25
CA LYS A 132 -11.38 -17.00 8.24
C LYS A 132 -9.91 -17.09 7.90
N PHE A 133 -9.13 -16.12 8.36
CA PHE A 133 -7.71 -16.08 8.03
C PHE A 133 -6.86 -15.93 9.22
N VAL A 134 -5.78 -16.69 9.26
CA VAL A 134 -4.88 -16.60 10.40
C VAL A 134 -3.43 -16.94 9.97
N CYS A 135 -2.47 -16.18 10.51
CA CYS A 135 -1.04 -16.42 10.20
C CYS A 135 -0.64 -17.81 10.69
N ALA A 136 -0.84 -18.04 12.01
CA ALA A 136 -0.55 -19.33 12.65
C ALA A 136 0.95 -19.75 12.81
N TRP A 137 1.85 -19.22 11.94
CA TRP A 137 3.29 -19.55 12.01
C TRP A 137 3.79 -19.56 13.46
N HIS A 138 3.66 -18.41 14.07
CA HIS A 138 4.13 -18.27 15.42
C HIS A 138 3.56 -19.28 16.37
N THR A 139 2.28 -19.54 16.27
CA THR A 139 1.81 -20.50 17.21
C THR A 139 2.42 -21.85 17.09
N ILE A 140 2.73 -22.19 15.90
CA ILE A 140 3.33 -23.47 15.72
C ILE A 140 4.86 -23.37 15.93
N GLY A 141 5.32 -22.14 16.14
CA GLY A 141 6.76 -21.94 16.40
C GLY A 141 7.68 -21.84 15.17
N ILE A 142 7.13 -21.57 13.98
CA ILE A 142 7.93 -21.49 12.73
C ILE A 142 8.02 -20.06 12.25
N GLY A 143 9.16 -19.72 11.57
CA GLY A 143 9.35 -18.39 10.98
C GLY A 143 8.36 -18.29 9.78
N ASN A 144 7.85 -17.12 9.49
CA ASN A 144 6.86 -17.04 8.41
C ASN A 144 7.42 -17.15 7.01
N ASP A 145 6.63 -17.73 6.13
CA ASP A 145 7.13 -17.84 4.74
C ASP A 145 5.93 -17.83 3.76
N THR A 146 6.03 -18.67 2.72
CA THR A 146 4.99 -18.76 1.68
C THR A 146 4.73 -17.38 1.08
N ALA A 147 5.79 -16.60 0.97
CA ALA A 147 5.78 -15.27 0.39
C ALA A 147 5.01 -14.20 1.14
N THR A 148 4.75 -14.43 2.44
CA THR A 148 4.04 -13.44 3.22
C THR A 148 4.83 -12.16 3.34
N SER A 149 6.14 -12.31 3.23
CA SER A 149 7.02 -11.11 3.29
C SER A 149 6.98 -10.37 1.98
N TYR A 150 6.33 -10.99 0.97
CA TYR A 150 6.20 -10.32 -0.31
C TYR A 150 4.75 -9.79 -0.47
N SER A 151 3.82 -10.70 -0.40
CA SER A 151 2.41 -10.42 -0.64
C SER A 151 1.54 -9.65 0.35
N LEU A 152 1.70 -9.92 1.64
CA LEU A 152 0.85 -9.30 2.64
C LEU A 152 0.86 -7.82 2.66
N ALA A 153 2.03 -7.26 2.78
CA ALA A 153 2.05 -5.85 2.81
C ALA A 153 1.69 -5.21 1.47
N ARG A 154 1.90 -5.93 0.38
CA ARG A 154 1.59 -5.37 -0.92
C ARG A 154 0.08 -5.19 -1.06
N ILE A 155 -0.63 -6.01 -0.31
CA ILE A 155 -2.12 -5.98 -0.31
C ILE A 155 -2.66 -5.10 0.81
N VAL A 156 -2.27 -5.34 2.09
CA VAL A 156 -2.80 -4.55 3.23
C VAL A 156 -1.97 -3.44 3.82
N GLY A 157 -0.80 -3.18 3.27
CA GLY A 157 0.06 -2.14 3.83
C GLY A 157 0.95 -2.79 4.95
N MET A 158 2.06 -2.14 5.23
CA MET A 158 2.97 -2.67 6.23
C MET A 158 2.46 -2.81 7.65
N ARG A 159 1.71 -1.80 8.10
CA ARG A 159 1.19 -1.82 9.48
C ARG A 159 0.29 -2.98 9.79
N ARG A 160 -0.70 -3.18 8.91
CA ARG A 160 -1.64 -4.27 9.05
C ARG A 160 -0.97 -5.60 8.85
N ALA A 161 0.03 -5.60 7.94
CA ALA A 161 0.72 -6.84 7.73
C ALA A 161 1.45 -7.22 9.05
N MET A 162 2.21 -6.26 9.62
CA MET A 162 2.94 -6.52 10.86
C MET A 162 1.98 -6.96 11.95
N GLU A 163 0.89 -6.24 12.04
CA GLU A 163 -0.09 -6.54 13.07
C GLU A 163 -0.62 -7.95 13.04
N LEU A 164 -1.07 -8.34 11.85
CA LEU A 164 -1.61 -9.67 11.74
C LEU A 164 -0.61 -10.77 12.07
N MET A 165 0.63 -10.55 11.66
CA MET A 165 1.62 -11.56 11.92
C MET A 165 2.01 -11.64 13.39
N LEU A 166 2.14 -10.48 13.99
CA LEU A 166 2.51 -10.40 15.38
C LEU A 166 1.42 -10.79 16.36
N THR A 167 0.18 -10.42 16.11
CA THR A 167 -0.85 -10.80 17.05
C THR A 167 -1.29 -12.21 16.87
N ASN A 168 -1.25 -12.69 15.60
CA ASN A 168 -1.69 -14.03 15.34
C ASN A 168 -3.21 -14.18 15.59
N ARG A 169 -3.90 -13.08 15.51
CA ARG A 169 -5.34 -13.19 15.72
C ARG A 169 -6.03 -13.59 14.45
N THR A 170 -7.25 -14.09 14.59
CA THR A 170 -8.05 -14.51 13.46
C THR A 170 -8.79 -13.34 12.84
N LEU A 171 -8.62 -13.16 11.53
CA LEU A 171 -9.28 -12.09 10.79
C LEU A 171 -10.59 -12.67 10.17
N TYR A 172 -11.73 -12.02 10.38
CA TYR A 172 -12.97 -12.53 9.85
C TYR A 172 -13.31 -11.84 8.56
N PRO A 173 -14.23 -12.41 7.77
CA PRO A 173 -14.54 -11.84 6.48
C PRO A 173 -14.78 -10.37 6.32
N GLU A 174 -15.55 -9.77 7.21
CA GLU A 174 -15.81 -8.35 7.08
C GLU A 174 -14.54 -7.53 7.16
N GLU A 175 -13.69 -7.92 8.09
CA GLU A 175 -12.47 -7.18 8.25
C GLU A 175 -11.54 -7.46 7.05
N ALA A 176 -11.53 -8.73 6.63
CA ALA A 176 -10.66 -9.07 5.49
C ALA A 176 -10.97 -8.24 4.26
N LYS A 177 -12.27 -8.03 4.07
CA LYS A 177 -12.74 -7.24 2.95
C LYS A 177 -12.37 -5.82 3.15
N ASP A 178 -12.56 -5.32 4.39
CA ASP A 178 -12.21 -3.95 4.64
C ASP A 178 -10.73 -3.73 4.37
N TRP A 179 -9.91 -4.74 4.72
CA TRP A 179 -8.44 -4.64 4.51
C TRP A 179 -8.01 -4.78 3.07
N GLY A 180 -8.85 -5.30 2.19
CA GLY A 180 -8.43 -5.46 0.80
C GLY A 180 -7.95 -6.92 0.61
N LEU A 181 -8.01 -7.76 1.67
CA LEU A 181 -7.57 -9.14 1.53
C LEU A 181 -8.48 -9.96 0.62
N VAL A 182 -9.80 -9.62 0.60
CA VAL A 182 -10.77 -10.29 -0.24
C VAL A 182 -11.53 -9.15 -0.85
N SER A 183 -12.05 -9.37 -2.07
CA SER A 183 -12.81 -8.32 -2.72
C SER A 183 -14.29 -8.34 -2.30
N ARG A 184 -14.81 -9.53 -2.08
CA ARG A 184 -16.22 -9.75 -1.72
C ARG A 184 -16.36 -10.99 -0.88
N VAL A 185 -17.49 -11.03 -0.13
CA VAL A 185 -17.86 -12.14 0.76
C VAL A 185 -19.29 -12.60 0.37
N TYR A 186 -19.46 -13.91 0.34
CA TYR A 186 -20.73 -14.50 -0.02
C TYR A 186 -21.20 -15.52 0.95
N PRO A 187 -22.51 -15.60 1.07
CA PRO A 187 -23.06 -16.58 1.96
C PRO A 187 -22.55 -17.93 1.60
N LYS A 188 -22.19 -18.62 2.65
CA LYS A 188 -21.68 -19.92 2.50
C LYS A 188 -22.41 -20.78 1.49
N ASP A 189 -23.71 -20.87 1.60
CA ASP A 189 -24.46 -21.71 0.70
C ASP A 189 -24.47 -21.29 -0.75
N GLU A 190 -24.21 -20.03 -1.04
CA GLU A 190 -24.20 -19.55 -2.44
C GLU A 190 -22.78 -19.46 -3.02
N PHE A 191 -21.81 -19.50 -2.12
CA PHE A 191 -20.39 -19.35 -2.47
C PHE A 191 -19.84 -20.07 -3.69
N ARG A 192 -19.96 -21.36 -3.67
CA ARG A 192 -19.45 -22.17 -4.75
C ARG A 192 -19.98 -21.79 -6.10
N GLU A 193 -21.28 -21.59 -6.16
CA GLU A 193 -21.84 -21.22 -7.40
C GLU A 193 -21.39 -19.88 -7.83
N VAL A 194 -21.40 -18.97 -6.90
CA VAL A 194 -20.98 -17.63 -7.20
C VAL A 194 -19.53 -17.59 -7.70
N ALA A 195 -18.73 -18.40 -7.05
CA ALA A 195 -17.32 -18.42 -7.42
C ALA A 195 -17.10 -19.01 -8.83
N TRP A 196 -17.80 -20.11 -9.13
CA TRP A 196 -17.67 -20.71 -10.46
C TRP A 196 -18.06 -19.73 -11.53
N LYS A 197 -19.09 -18.95 -11.26
CA LYS A 197 -19.51 -18.00 -12.24
C LYS A 197 -18.50 -16.88 -12.43
N VAL A 198 -17.87 -16.48 -11.35
CA VAL A 198 -16.86 -15.45 -11.43
C VAL A 198 -15.66 -16.01 -12.21
N ALA A 199 -15.29 -17.25 -11.89
CA ALA A 199 -14.18 -17.89 -12.58
C ALA A 199 -14.47 -17.97 -14.07
N ARG A 200 -15.66 -18.46 -14.45
CA ARG A 200 -15.97 -18.52 -15.88
C ARG A 200 -15.81 -17.16 -16.60
N GLU A 201 -16.27 -16.08 -15.99
CA GLU A 201 -16.16 -14.79 -16.60
C GLU A 201 -14.69 -14.41 -16.81
N LEU A 202 -13.92 -14.68 -15.74
CA LEU A 202 -12.48 -14.38 -15.77
C LEU A 202 -11.86 -15.19 -16.91
N ALA A 203 -12.28 -16.45 -17.05
CA ALA A 203 -11.76 -17.30 -18.08
C ALA A 203 -12.09 -16.78 -19.47
N ALA A 204 -13.32 -16.31 -19.61
CA ALA A 204 -13.81 -15.78 -20.89
C ALA A 204 -13.21 -14.45 -21.26
N ALA A 205 -12.79 -13.65 -20.27
CA ALA A 205 -12.18 -12.35 -20.54
C ALA A 205 -10.82 -12.57 -21.27
N PRO A 206 -10.24 -11.56 -21.93
CA PRO A 206 -9.01 -11.72 -22.73
C PRO A 206 -7.72 -12.05 -21.96
N THR A 207 -7.36 -13.33 -22.03
CA THR A 207 -6.20 -13.81 -21.31
C THR A 207 -4.96 -13.01 -21.56
N HIS A 208 -4.74 -12.69 -22.83
CA HIS A 208 -3.55 -11.94 -23.17
C HIS A 208 -3.43 -10.62 -22.43
N LEU A 209 -4.57 -9.90 -22.36
CA LEU A 209 -4.52 -8.63 -21.66
C LEU A 209 -4.37 -8.86 -20.12
N GLN A 210 -4.92 -9.99 -19.65
CA GLN A 210 -4.86 -10.33 -18.22
C GLN A 210 -3.45 -10.54 -17.78
N VAL A 211 -2.76 -11.34 -18.57
CA VAL A 211 -1.37 -11.65 -18.33
C VAL A 211 -0.56 -10.37 -18.36
N MET A 212 -0.80 -9.49 -19.34
CA MET A 212 -0.08 -8.22 -19.37
C MET A 212 -0.26 -7.45 -18.08
N ALA A 213 -1.51 -7.38 -17.63
CA ALA A 213 -1.84 -6.65 -16.40
C ALA A 213 -1.17 -7.28 -15.18
N LYS A 214 -1.30 -8.61 -15.07
CA LYS A 214 -0.73 -9.36 -13.95
C LYS A 214 0.80 -9.16 -13.81
N GLU A 215 1.53 -9.40 -14.90
CA GLU A 215 2.98 -9.25 -14.89
C GLU A 215 3.37 -7.86 -14.62
N ARG A 216 2.64 -6.89 -15.18
CA ARG A 216 3.01 -5.49 -14.96
C ARG A 216 2.79 -5.05 -13.52
N PHE A 217 1.75 -5.60 -12.93
CA PHE A 217 1.44 -5.21 -11.55
C PHE A 217 2.53 -5.69 -10.61
N HIS A 218 2.94 -6.95 -10.77
CA HIS A 218 3.99 -7.46 -9.91
C HIS A 218 5.31 -6.70 -10.13
N ALA A 219 5.68 -6.53 -11.41
CA ALA A 219 6.88 -5.81 -11.71
C ALA A 219 6.88 -4.37 -11.32
N GLY A 220 5.82 -3.67 -11.70
CA GLY A 220 5.73 -2.20 -11.47
C GLY A 220 5.81 -1.70 -10.04
N TRP A 221 5.41 -2.58 -9.13
CA TRP A 221 5.44 -2.20 -7.71
C TRP A 221 6.83 -1.71 -7.32
N MET A 222 7.86 -2.31 -7.96
CA MET A 222 9.27 -2.00 -7.68
C MET A 222 9.97 -1.18 -8.73
N GLN A 223 9.26 -0.71 -9.74
CA GLN A 223 9.93 0.08 -10.79
C GLN A 223 9.51 1.53 -10.84
N PRO A 224 10.43 2.41 -11.30
CA PRO A 224 10.15 3.82 -11.44
C PRO A 224 9.19 3.97 -12.65
N VAL A 225 8.46 5.08 -12.65
CA VAL A 225 7.47 5.33 -13.67
C VAL A 225 7.95 5.18 -15.11
N GLU A 226 9.11 5.78 -15.48
CA GLU A 226 9.59 5.71 -16.86
C GLU A 226 9.90 4.31 -17.37
N GLU A 227 10.26 3.40 -16.46
CA GLU A 227 10.54 2.05 -16.84
C GLU A 227 9.19 1.32 -16.97
N CYS A 228 8.29 1.59 -16.02
CA CYS A 228 7.00 0.93 -16.08
C CYS A 228 6.32 1.21 -17.42
N THR A 229 6.37 2.47 -17.86
CA THR A 229 5.70 2.84 -19.09
C THR A 229 6.26 2.21 -20.31
N GLU A 230 7.57 1.98 -20.26
CA GLU A 230 8.17 1.37 -21.42
C GLU A 230 7.59 0.03 -21.58
N PHE A 231 7.49 -0.70 -20.50
CA PHE A 231 6.94 -2.03 -20.60
C PHE A 231 5.45 -2.01 -20.89
N GLU A 232 4.79 -1.01 -20.39
CA GLU A 232 3.35 -0.94 -20.68
C GLU A 232 3.19 -0.68 -22.19
N ILE A 233 3.99 0.24 -22.72
CA ILE A 233 3.89 0.52 -24.13
C ILE A 233 4.11 -0.68 -25.01
N GLN A 234 5.13 -1.47 -24.68
CA GLN A 234 5.35 -2.65 -25.44
C GLN A 234 4.07 -3.51 -25.45
N ASN A 235 3.37 -3.57 -24.32
CA ASN A 235 2.13 -4.37 -24.27
C ASN A 235 1.02 -3.72 -25.16
N VAL A 236 0.93 -2.41 -25.08
CA VAL A 236 -0.06 -1.69 -25.88
C VAL A 236 0.14 -2.01 -27.36
N ILE A 237 1.38 -1.82 -27.81
CA ILE A 237 1.63 -2.11 -29.22
C ILE A 237 1.32 -3.53 -29.59
N ALA A 238 1.67 -4.48 -28.72
CA ALA A 238 1.38 -5.82 -29.04
C ALA A 238 -0.15 -6.08 -29.09
N SER A 239 -0.86 -5.51 -28.12
CA SER A 239 -2.31 -5.72 -28.05
C SER A 239 -3.04 -5.10 -29.26
N VAL A 240 -2.61 -3.94 -29.77
CA VAL A 240 -3.33 -3.38 -30.92
C VAL A 240 -3.01 -4.09 -32.23
N THR A 241 -2.06 -5.01 -32.18
CA THR A 241 -1.64 -5.79 -33.34
C THR A 241 -2.32 -7.15 -33.31
N HIS A 242 -2.73 -7.51 -32.12
CA HIS A 242 -3.38 -8.76 -31.90
C HIS A 242 -4.77 -8.65 -32.57
N PRO A 243 -5.24 -9.75 -33.11
CA PRO A 243 -6.52 -9.79 -33.79
C PRO A 243 -7.69 -9.42 -32.90
N HIS A 244 -7.53 -9.50 -31.59
CA HIS A 244 -8.61 -9.19 -30.68
C HIS A 244 -9.04 -7.75 -30.73
N PHE A 245 -8.10 -6.90 -30.98
CA PHE A 245 -8.39 -5.51 -30.96
C PHE A 245 -9.35 -4.88 -31.92
N MET A 246 -9.06 -5.00 -33.21
CA MET A 246 -9.93 -4.33 -34.17
C MET A 246 -11.46 -4.46 -33.96
N PRO A 247 -11.87 -5.68 -33.76
CA PRO A 247 -13.26 -5.89 -33.57
C PRO A 247 -13.77 -5.11 -32.37
N CYS A 248 -12.99 -4.91 -31.31
CA CYS A 248 -13.50 -4.14 -30.17
C CYS A 248 -13.61 -2.68 -30.51
N LEU A 249 -12.64 -2.21 -31.30
CA LEU A 249 -12.61 -0.82 -31.72
C LEU A 249 -13.86 -0.55 -32.57
N THR A 250 -14.15 -1.51 -33.39
CA THR A 250 -15.29 -1.46 -34.30
C THR A 250 -16.58 -1.28 -33.50
N ARG A 251 -16.75 -2.16 -32.49
CA ARG A 251 -17.94 -2.12 -31.64
C ARG A 251 -18.04 -0.79 -30.92
N PHE A 252 -16.92 -0.33 -30.47
CA PHE A 252 -16.95 0.93 -29.79
C PHE A 252 -17.36 2.04 -30.71
N LEU A 253 -16.84 2.00 -31.93
CA LEU A 253 -17.17 3.07 -32.84
C LEU A 253 -18.64 2.99 -33.22
N ASP A 254 -19.16 1.80 -33.06
CA ASP A 254 -20.52 1.49 -33.33
C ASP A 254 -21.37 1.63 -32.06
N GLY A 255 -20.95 2.47 -31.13
CA GLY A 255 -21.69 2.74 -29.90
C GLY A 255 -21.59 1.86 -28.66
N HIS A 256 -20.84 0.74 -28.71
CA HIS A 256 -20.73 -0.11 -27.52
C HIS A 256 -19.64 0.42 -26.55
N ARG A 257 -20.08 0.88 -25.38
CA ARG A 257 -19.28 1.46 -24.33
C ARG A 257 -18.21 0.56 -23.73
N ALA A 258 -17.04 1.14 -23.46
CA ALA A 258 -15.96 0.35 -22.91
C ALA A 258 -16.10 0.14 -21.42
N ASP A 259 -17.22 0.63 -20.86
CA ASP A 259 -17.43 0.44 -19.43
C ASP A 259 -18.15 -0.85 -19.20
N ARG A 260 -18.30 -1.60 -20.27
CA ARG A 260 -18.98 -2.86 -20.09
C ARG A 260 -18.07 -3.76 -19.25
N PRO A 261 -18.57 -4.41 -18.22
CA PRO A 261 -17.72 -5.25 -17.40
C PRO A 261 -17.24 -6.50 -18.03
N GLN A 262 -16.05 -6.95 -17.61
CA GLN A 262 -15.47 -8.22 -18.09
C GLN A 262 -15.88 -9.30 -17.10
N VAL A 263 -15.94 -8.86 -15.83
CA VAL A 263 -16.33 -9.74 -14.72
C VAL A 263 -17.32 -9.01 -13.82
N GLU A 264 -18.40 -9.71 -13.53
CA GLU A 264 -19.44 -9.19 -12.65
C GLU A 264 -19.36 -9.81 -11.26
N LEU A 265 -18.99 -8.95 -10.30
CA LEU A 265 -18.89 -9.42 -8.94
C LEU A 265 -20.18 -9.07 -8.24
N PRO A 266 -20.97 -10.04 -7.86
CA PRO A 266 -22.20 -9.77 -7.16
C PRO A 266 -21.86 -9.09 -5.86
N ALA A 267 -22.77 -8.27 -5.38
CA ALA A 267 -22.54 -7.53 -4.14
C ALA A 267 -22.06 -8.37 -2.94
N GLY A 268 -22.69 -9.53 -2.78
CA GLY A 268 -22.40 -10.42 -1.68
C GLY A 268 -22.86 -9.74 -0.37
N VAL A 269 -22.30 -10.18 0.76
CA VAL A 269 -22.61 -9.64 2.07
C VAL A 269 -21.45 -8.90 2.76
N MET B 1 19.68 6.54 35.75
CA MET B 1 20.63 6.69 34.64
C MET B 1 20.34 7.82 33.64
N TYR B 2 19.35 7.67 32.74
CA TYR B 2 19.07 8.69 31.76
C TYR B 2 18.54 9.96 32.41
N GLU B 3 18.91 11.07 31.81
CA GLU B 3 18.49 12.32 32.32
C GLU B 3 17.56 13.11 31.48
N ALA B 4 17.28 12.64 30.29
CA ALA B 4 16.38 13.39 29.45
C ALA B 4 15.12 12.61 29.03
N ILE B 5 15.02 11.36 29.45
CA ILE B 5 13.85 10.60 29.09
C ILE B 5 13.50 9.72 30.25
N GLY B 6 12.30 9.19 30.24
CA GLY B 6 11.92 8.27 31.24
C GLY B 6 12.29 6.86 30.71
N HIS B 7 12.68 5.95 31.60
CA HIS B 7 13.02 4.63 31.14
C HIS B 7 12.97 3.59 32.23
N ARG B 8 12.52 2.41 31.85
CA ARG B 8 12.49 1.33 32.79
C ARG B 8 12.41 0.02 32.05
N VAL B 9 12.78 -1.08 32.71
CA VAL B 9 12.70 -2.39 32.12
C VAL B 9 11.88 -3.19 33.11
N GLU B 10 10.71 -3.63 32.71
CA GLU B 10 9.92 -4.37 33.65
C GLU B 10 9.03 -5.28 32.96
N ASP B 11 8.93 -6.49 33.47
CA ASP B 11 8.07 -7.51 32.88
C ASP B 11 8.38 -7.74 31.42
N GLY B 12 9.68 -7.69 31.09
CA GLY B 12 10.14 -7.95 29.71
C GLY B 12 10.05 -6.81 28.71
N VAL B 13 9.54 -5.67 29.21
CA VAL B 13 9.39 -4.50 28.40
C VAL B 13 10.33 -3.41 28.80
N ALA B 14 11.03 -2.88 27.80
CA ALA B 14 11.91 -1.74 27.96
C ALA B 14 10.99 -0.56 27.55
N GLU B 15 10.53 0.21 28.52
CA GLU B 15 9.64 1.34 28.26
C GLU B 15 10.37 2.68 28.25
N ILE B 16 10.32 3.33 27.11
CA ILE B 16 10.95 4.60 26.88
C ILE B 16 9.89 5.67 26.90
N THR B 17 10.04 6.65 27.77
CA THR B 17 9.06 7.69 27.83
C THR B 17 9.68 9.02 27.43
N ILE B 18 9.10 9.65 26.39
CA ILE B 18 9.53 10.95 25.90
C ILE B 18 9.07 11.86 27.01
N LYS B 19 9.95 12.67 27.53
CA LYS B 19 9.56 13.45 28.67
C LYS B 19 9.92 14.92 28.70
N LEU B 20 9.03 15.75 28.18
CA LEU B 20 9.25 17.20 28.19
C LEU B 20 7.90 17.83 28.00
N PRO B 21 7.04 17.39 28.88
CA PRO B 21 5.66 17.72 28.92
C PRO B 21 5.29 19.16 28.82
N ARG B 22 6.15 20.03 29.32
CA ARG B 22 5.84 21.46 29.26
C ARG B 22 5.87 21.97 27.85
N HIS B 23 6.69 21.28 27.06
CA HIS B 23 6.84 21.64 25.69
C HIS B 23 6.27 20.57 24.78
N ARG B 24 5.20 19.96 25.26
CA ARG B 24 4.51 18.95 24.52
C ARG B 24 5.33 17.70 24.19
N ASN B 25 6.39 17.44 24.94
CA ASN B 25 7.18 16.28 24.67
C ASN B 25 7.99 16.36 23.40
N ALA B 26 8.35 17.56 22.97
CA ALA B 26 9.18 17.69 21.79
C ALA B 26 10.45 16.98 22.18
N LEU B 27 11.26 16.52 21.21
CA LEU B 27 12.51 15.79 21.46
C LEU B 27 13.79 16.57 21.33
N SER B 28 14.48 16.66 22.44
CA SER B 28 15.71 17.38 22.44
C SER B 28 16.81 16.47 21.95
N VAL B 29 17.85 17.08 21.44
CA VAL B 29 18.98 16.37 20.95
C VAL B 29 19.51 15.34 21.97
N LYS B 30 19.61 15.72 23.23
CA LYS B 30 20.12 14.78 24.20
C LYS B 30 19.16 13.60 24.43
N ALA B 31 17.86 13.90 24.42
CA ALA B 31 16.89 12.84 24.62
C ALA B 31 16.96 11.80 23.53
N MET B 32 17.11 12.30 22.30
CA MET B 32 17.19 11.44 21.11
C MET B 32 18.34 10.49 21.23
N GLN B 33 19.45 11.02 21.74
CA GLN B 33 20.61 10.20 21.91
C GLN B 33 20.31 9.10 22.92
N GLU B 34 19.57 9.47 23.96
CA GLU B 34 19.25 8.50 24.96
C GLU B 34 18.32 7.43 24.43
N VAL B 35 17.33 7.87 23.62
CA VAL B 35 16.37 6.91 23.04
C VAL B 35 17.17 5.84 22.26
N THR B 36 18.09 6.34 21.39
CA THR B 36 18.93 5.41 20.61
C THR B 36 19.69 4.47 21.48
N ASP B 37 20.21 5.03 22.59
CA ASP B 37 20.95 4.24 23.55
C ASP B 37 20.13 3.13 24.18
N ALA B 38 18.94 3.53 24.58
CA ALA B 38 18.02 2.62 25.23
C ALA B 38 17.60 1.48 24.29
N LEU B 39 17.48 1.81 22.99
CA LEU B 39 17.11 0.78 21.99
C LEU B 39 18.24 -0.20 21.86
N ASN B 40 19.47 0.35 21.84
CA ASN B 40 20.67 -0.50 21.74
C ASN B 40 20.74 -1.47 22.91
N ARG B 41 20.50 -0.93 24.10
CA ARG B 41 20.53 -1.72 25.33
C ARG B 41 19.42 -2.76 25.39
N ALA B 42 18.22 -2.37 24.86
CA ALA B 42 17.09 -3.30 24.86
C ALA B 42 17.40 -4.59 24.07
N GLU B 43 18.00 -4.34 22.92
CA GLU B 43 18.38 -5.38 22.01
C GLU B 43 19.49 -6.26 22.58
N GLU B 44 20.29 -5.67 23.48
CA GLU B 44 21.40 -6.42 24.10
C GLU B 44 20.95 -7.14 25.38
N ASP B 45 19.71 -6.83 25.86
CA ASP B 45 19.18 -7.40 27.11
C ASP B 45 18.28 -8.62 26.94
N ASP B 46 18.79 -9.73 27.39
CA ASP B 46 18.08 -10.98 27.31
C ASP B 46 16.76 -10.98 28.03
N SER B 47 16.66 -10.08 28.99
CA SER B 47 15.44 -9.98 29.75
C SER B 47 14.37 -9.14 29.07
N VAL B 48 14.76 -8.41 28.03
CA VAL B 48 13.83 -7.57 27.32
C VAL B 48 13.26 -8.30 26.13
N GLY B 49 11.95 -8.32 25.98
CA GLY B 49 11.36 -9.01 24.82
C GLY B 49 10.61 -8.04 23.87
N ALA B 50 10.47 -6.76 24.26
CA ALA B 50 9.78 -5.75 23.45
C ALA B 50 10.06 -4.41 24.00
N VAL B 51 9.86 -3.43 23.15
CA VAL B 51 10.07 -2.07 23.52
C VAL B 51 8.76 -1.28 23.35
N MET B 52 8.53 -0.38 24.30
CA MET B 52 7.37 0.53 24.29
C MET B 52 7.82 1.97 24.32
N ILE B 53 7.37 2.72 23.33
CA ILE B 53 7.66 4.12 23.24
C ILE B 53 6.34 4.85 23.52
N THR B 54 6.38 5.72 24.51
CA THR B 54 5.19 6.48 24.90
C THR B 54 5.55 7.88 25.36
N GLY B 55 4.58 8.74 25.51
CA GLY B 55 4.97 10.08 25.94
C GLY B 55 4.51 10.31 27.39
N ALA B 56 5.11 11.29 27.99
CA ALA B 56 4.72 11.58 29.35
C ALA B 56 3.42 12.38 29.31
N GLU B 57 2.63 12.15 30.33
CA GLU B 57 1.39 12.88 30.44
C GLU B 57 0.37 12.69 29.31
N ASP B 58 0.01 13.83 28.67
CA ASP B 58 -1.01 13.86 27.65
C ASP B 58 -0.61 14.14 26.26
N ALA B 59 0.68 14.18 26.04
CA ALA B 59 1.20 14.41 24.71
C ALA B 59 2.09 13.23 24.34
N PHE B 60 2.17 12.88 23.04
CA PHE B 60 3.03 11.76 22.66
C PHE B 60 4.36 12.40 22.38
N CYS B 61 4.41 13.18 21.34
CA CYS B 61 5.65 13.87 20.98
C CYS B 61 5.34 14.94 19.94
N ALA B 62 5.75 16.16 20.26
CA ALA B 62 5.52 17.28 19.38
C ALA B 62 6.58 17.52 18.36
N GLY B 63 7.52 16.57 18.22
CA GLY B 63 8.53 16.70 17.20
C GLY B 63 9.79 17.43 17.54
N PHE B 64 10.34 18.07 16.53
CA PHE B 64 11.56 18.80 16.73
C PHE B 64 11.46 19.73 17.95
N TYR B 65 12.51 19.84 18.76
CA TYR B 65 12.48 20.75 19.88
C TYR B 65 12.98 22.10 19.36
N LEU B 66 12.01 22.87 18.88
CA LEU B 66 12.25 24.16 18.27
C LEU B 66 12.98 25.18 19.11
N ARG B 67 12.79 25.04 20.41
CA ARG B 67 13.45 25.94 21.32
C ARG B 67 14.92 25.69 21.51
N GLU B 68 15.52 24.81 20.71
CA GLU B 68 16.94 24.55 20.91
C GLU B 68 17.70 25.19 19.79
N ILE B 69 16.89 25.67 18.84
CA ILE B 69 17.40 26.34 17.66
C ILE B 69 18.00 27.70 18.01
N PRO B 70 19.29 27.85 17.76
CA PRO B 70 19.97 29.10 18.04
C PRO B 70 19.55 30.23 17.15
N LEU B 71 19.15 31.34 17.79
CA LEU B 71 18.73 32.53 17.05
C LEU B 71 19.79 33.61 17.18
N ASP B 72 20.65 33.42 18.20
CA ASP B 72 21.78 34.28 18.55
C ASP B 72 22.98 34.15 17.57
N LYS B 73 22.90 33.25 16.55
CA LYS B 73 24.02 33.06 15.61
C LYS B 73 23.86 32.94 14.05
N GLY B 74 22.93 33.69 13.44
CA GLY B 74 22.66 33.72 12.00
C GLY B 74 22.14 32.46 11.34
N VAL B 75 22.23 32.40 10.00
CA VAL B 75 21.80 31.23 9.24
C VAL B 75 22.67 30.02 9.58
N ALA B 76 23.98 30.23 9.48
CA ALA B 76 24.94 29.21 9.78
C ALA B 76 24.61 28.50 11.08
N GLY B 77 24.26 29.30 12.11
CA GLY B 77 23.91 28.80 13.44
C GLY B 77 22.74 27.84 13.41
N VAL B 78 21.72 28.29 12.72
CA VAL B 78 20.52 27.50 12.57
C VAL B 78 20.85 26.23 11.82
N ARG B 79 21.59 26.36 10.76
CA ARG B 79 21.97 25.22 9.98
C ARG B 79 22.81 24.21 10.73
N ASP B 80 23.78 24.72 11.46
CA ASP B 80 24.67 23.85 12.20
C ASP B 80 23.89 23.03 13.21
N HIS B 81 22.88 23.67 13.76
CA HIS B 81 22.06 22.99 14.73
C HIS B 81 21.28 21.84 14.08
N PHE B 82 20.53 22.18 13.04
CA PHE B 82 19.75 21.21 12.30
C PHE B 82 20.57 19.99 11.87
N ARG B 83 21.81 20.24 11.47
CA ARG B 83 22.71 19.19 11.05
C ARG B 83 22.90 18.25 12.16
N ILE B 84 23.03 18.84 13.34
CA ILE B 84 23.23 18.01 14.53
C ILE B 84 22.01 17.23 14.95
N ALA B 85 20.90 17.92 15.11
CA ALA B 85 19.73 17.21 15.49
C ALA B 85 19.30 16.27 14.37
N ALA B 86 19.54 16.65 13.12
CA ALA B 86 19.08 15.77 12.07
C ALA B 86 19.75 14.45 12.17
N LEU B 87 21.00 14.51 12.54
CA LEU B 87 21.76 13.29 12.67
C LEU B 87 21.17 12.39 13.70
N TRP B 88 20.85 12.96 14.83
CA TRP B 88 20.29 12.21 15.89
C TRP B 88 18.89 11.77 15.66
N TRP B 89 18.09 12.62 15.03
CA TRP B 89 16.72 12.22 14.79
C TRP B 89 16.70 10.93 13.95
N HIS B 90 17.59 10.90 12.95
CA HIS B 90 17.66 9.76 12.05
C HIS B 90 18.32 8.54 12.61
N GLN B 91 19.31 8.76 13.48
CA GLN B 91 19.94 7.60 14.06
C GLN B 91 18.90 6.90 14.85
N MET B 92 18.09 7.72 15.47
CA MET B 92 17.01 7.19 16.31
C MET B 92 15.92 6.48 15.49
N ILE B 93 15.47 7.17 14.43
CA ILE B 93 14.44 6.59 13.55
C ILE B 93 14.86 5.24 12.97
N HIS B 94 16.08 5.27 12.43
CA HIS B 94 16.60 4.04 11.83
C HIS B 94 16.60 2.94 12.86
N LYS B 95 17.02 3.28 14.10
CA LYS B 95 17.09 2.26 15.14
C LYS B 95 15.77 1.58 15.47
N ILE B 96 14.70 2.40 15.48
CA ILE B 96 13.39 1.84 15.78
C ILE B 96 13.08 0.77 14.71
N ILE B 97 13.38 1.11 13.43
CA ILE B 97 13.11 0.17 12.35
C ILE B 97 14.08 -1.04 12.32
N ARG B 98 15.35 -0.82 12.68
CA ARG B 98 16.35 -1.88 12.66
C ARG B 98 16.53 -2.70 13.91
N VAL B 99 16.13 -2.15 15.05
CA VAL B 99 16.30 -2.87 16.32
C VAL B 99 15.69 -4.27 16.31
N LYS B 100 16.43 -5.23 16.90
CA LYS B 100 16.02 -6.60 17.00
C LYS B 100 15.01 -6.93 18.11
N ARG B 101 14.00 -6.05 18.20
CA ARG B 101 12.91 -6.19 19.14
C ARG B 101 11.68 -5.52 18.52
N PRO B 102 10.51 -6.09 18.86
CA PRO B 102 9.29 -5.46 18.40
C PRO B 102 9.17 -4.14 19.21
N VAL B 103 8.77 -3.06 18.54
CA VAL B 103 8.60 -1.78 19.16
C VAL B 103 7.13 -1.35 19.06
N LEU B 104 6.52 -1.08 20.20
CA LEU B 104 5.14 -0.64 20.25
C LEU B 104 5.09 0.85 20.53
N ALA B 105 4.38 1.60 19.69
CA ALA B 105 4.22 3.06 19.87
C ALA B 105 2.84 3.23 20.55
N ALA B 106 2.85 3.66 21.80
CA ALA B 106 1.63 3.83 22.53
C ALA B 106 1.41 5.32 22.46
N ILE B 107 0.66 5.74 21.48
CA ILE B 107 0.39 7.15 21.24
C ILE B 107 -0.73 7.64 22.17
N ASN B 108 -0.30 8.29 23.23
CA ASN B 108 -1.15 8.81 24.31
C ASN B 108 -1.64 10.26 24.17
N GLY B 109 -1.20 10.93 23.15
CA GLY B 109 -1.59 12.30 22.95
C GLY B 109 -1.12 12.68 21.58
N VAL B 110 -0.94 13.94 21.40
CA VAL B 110 -0.51 14.45 20.13
C VAL B 110 0.86 13.97 19.66
N ALA B 111 0.91 13.72 18.34
CA ALA B 111 2.11 13.28 17.62
C ALA B 111 2.30 14.24 16.42
N ALA B 112 3.35 15.06 16.47
CA ALA B 112 3.55 16.00 15.37
C ALA B 112 4.94 15.89 14.80
N GLY B 113 5.06 16.16 13.51
CA GLY B 113 6.35 16.13 12.85
C GLY B 113 7.09 14.87 13.23
N GLY B 114 8.31 15.00 13.75
CA GLY B 114 9.11 13.84 14.18
C GLY B 114 8.31 12.88 15.09
N GLY B 115 7.37 13.42 15.87
CA GLY B 115 6.61 12.54 16.73
C GLY B 115 5.79 11.63 15.84
N LEU B 116 5.27 12.16 14.75
CA LEU B 116 4.52 11.30 13.85
C LEU B 116 5.51 10.29 13.23
N GLY B 117 6.70 10.79 12.82
CA GLY B 117 7.75 9.92 12.25
C GLY B 117 7.99 8.71 13.16
N ILE B 118 8.07 8.99 14.48
CA ILE B 118 8.25 7.93 15.47
C ILE B 118 7.15 6.88 15.45
N SER B 119 5.90 7.37 15.44
CA SER B 119 4.80 6.45 15.44
C SER B 119 4.78 5.60 14.17
N LEU B 120 5.27 6.15 13.04
CA LEU B 120 5.28 5.43 11.77
C LEU B 120 6.39 4.43 11.66
N ALA B 121 7.48 4.74 12.36
CA ALA B 121 8.65 3.84 12.32
C ALA B 121 8.46 2.60 13.18
N SER B 122 7.59 2.66 14.19
CA SER B 122 7.41 1.53 15.06
C SER B 122 6.75 0.37 14.37
N ASP B 123 6.83 -0.80 14.99
CA ASP B 123 6.23 -2.03 14.48
C ASP B 123 4.73 -2.12 14.70
N MET B 124 4.23 -1.67 15.89
CA MET B 124 2.77 -1.71 16.20
C MET B 124 2.41 -0.36 16.74
N ALA B 125 1.19 0.12 16.48
CA ALA B 125 0.81 1.43 16.98
C ALA B 125 -0.64 1.40 17.45
N ILE B 126 -0.85 1.99 18.61
CA ILE B 126 -2.19 2.09 19.19
C ILE B 126 -2.30 3.46 19.78
N CYS B 127 -3.52 4.00 19.88
CA CYS B 127 -3.59 5.33 20.45
C CYS B 127 -4.81 5.54 21.37
N ALA B 128 -4.76 6.68 22.06
CA ALA B 128 -5.81 7.08 22.96
C ALA B 128 -6.79 7.83 22.08
N ASP B 129 -8.06 7.88 22.52
CA ASP B 129 -9.09 8.57 21.76
C ASP B 129 -8.87 10.05 21.72
N SER B 130 -7.95 10.50 22.59
CA SER B 130 -7.56 11.90 22.72
C SER B 130 -6.33 12.23 21.92
N ALA B 131 -5.79 11.23 21.23
CA ALA B 131 -4.61 11.51 20.46
C ALA B 131 -4.92 12.18 19.11
N LYS B 132 -3.86 12.71 18.46
CA LYS B 132 -4.05 13.30 17.16
C LYS B 132 -2.76 13.25 16.40
N PHE B 133 -2.82 13.32 15.06
CA PHE B 133 -1.62 13.26 14.27
C PHE B 133 -1.59 14.37 13.31
N VAL B 134 -0.41 14.98 13.18
CA VAL B 134 -0.17 16.09 12.25
C VAL B 134 1.31 16.20 11.76
N CYS B 135 1.45 16.40 10.46
CA CYS B 135 2.77 16.53 9.85
C CYS B 135 3.54 17.69 10.41
N ALA B 136 2.89 18.83 10.35
CA ALA B 136 3.41 20.08 10.84
C ALA B 136 4.58 20.70 10.11
N TRP B 137 5.34 19.91 9.38
CA TRP B 137 6.52 20.44 8.65
C TRP B 137 6.31 21.74 7.85
N HIS B 138 5.33 21.63 6.94
CA HIS B 138 4.94 22.68 6.02
C HIS B 138 4.53 23.96 6.68
N THR B 139 4.20 23.83 7.95
CA THR B 139 3.77 24.96 8.72
C THR B 139 4.90 25.69 9.40
N ILE B 140 5.90 24.94 9.80
CA ILE B 140 7.07 25.53 10.41
C ILE B 140 8.11 25.95 9.36
N GLY B 141 7.83 25.63 8.09
CA GLY B 141 8.71 25.99 7.01
C GLY B 141 9.90 25.06 6.81
N ILE B 142 9.81 23.81 7.29
CA ILE B 142 10.88 22.79 7.19
C ILE B 142 10.54 21.59 6.29
N GLY B 143 11.50 21.09 5.49
CA GLY B 143 11.25 19.91 4.64
C GLY B 143 10.98 18.63 5.49
N ASN B 144 10.07 17.79 5.06
CA ASN B 144 9.69 16.60 5.78
C ASN B 144 10.81 15.59 5.92
N ASP B 145 10.87 14.98 7.08
CA ASP B 145 11.89 14.03 7.29
C ASP B 145 11.45 12.97 8.25
N THR B 146 12.39 12.50 9.06
CA THR B 146 12.10 11.44 10.03
C THR B 146 11.56 10.18 9.36
N ALA B 147 12.06 9.96 8.12
CA ALA B 147 11.63 8.78 7.38
C ALA B 147 10.18 8.82 6.93
N THR B 148 9.61 10.00 6.86
CA THR B 148 8.24 10.03 6.40
C THR B 148 8.15 9.63 4.94
N SER B 149 9.20 9.80 4.20
CA SER B 149 9.15 9.44 2.82
C SER B 149 9.39 7.95 2.58
N TYR B 150 9.55 7.23 3.68
CA TYR B 150 9.74 5.81 3.69
C TYR B 150 8.49 5.16 4.23
N SER B 151 8.21 5.50 5.50
CA SER B 151 7.15 4.92 6.25
C SER B 151 5.71 5.24 5.97
N LEU B 152 5.39 6.49 5.71
CA LEU B 152 3.98 6.85 5.52
C LEU B 152 3.21 6.11 4.42
N ALA B 153 3.76 6.16 3.22
CA ALA B 153 3.15 5.51 2.09
C ALA B 153 3.15 4.05 2.27
N ARG B 154 4.17 3.52 2.99
CA ARG B 154 4.19 2.05 3.21
C ARG B 154 3.01 1.61 4.06
N ILE B 155 2.53 2.53 4.86
CA ILE B 155 1.42 2.21 5.71
C ILE B 155 0.06 2.67 5.15
N VAL B 156 -0.04 3.91 4.63
CA VAL B 156 -1.32 4.44 4.11
C VAL B 156 -1.49 4.53 2.60
N GLY B 157 -0.49 4.17 1.80
CA GLY B 157 -0.65 4.28 0.35
C GLY B 157 -0.16 5.65 -0.04
N MET B 158 0.20 5.82 -1.29
CA MET B 158 0.75 7.09 -1.69
C MET B 158 -0.12 8.31 -1.66
N ARG B 159 -1.37 8.14 -1.99
CA ARG B 159 -2.27 9.28 -2.05
C ARG B 159 -2.55 9.93 -0.71
N ARG B 160 -2.89 9.06 0.28
CA ARG B 160 -3.17 9.53 1.62
C ARG B 160 -1.90 10.13 2.22
N ALA B 161 -0.77 9.54 1.88
CA ALA B 161 0.44 10.09 2.42
C ALA B 161 0.65 11.49 1.91
N MET B 162 0.47 11.59 0.60
CA MET B 162 0.65 12.88 -0.03
C MET B 162 -0.30 13.96 0.53
N GLU B 163 -1.52 13.53 0.73
CA GLU B 163 -2.54 14.43 1.20
C GLU B 163 -2.23 14.99 2.56
N LEU B 164 -1.95 14.10 3.46
CA LEU B 164 -1.64 14.50 4.79
C LEU B 164 -0.54 15.48 4.85
N MET B 165 0.51 15.24 4.09
CA MET B 165 1.64 16.15 4.10
C MET B 165 1.37 17.48 3.48
N LEU B 166 0.64 17.44 2.38
CA LEU B 166 0.32 18.66 1.67
C LEU B 166 -0.75 19.50 2.35
N THR B 167 -1.73 18.88 2.93
CA THR B 167 -2.72 19.71 3.54
C THR B 167 -2.36 20.13 4.93
N ASP B 168 -1.49 19.37 5.62
CA ASP B 168 -1.10 19.64 7.00
C ASP B 168 -2.29 19.55 7.92
N ARG B 169 -3.28 18.82 7.49
CA ARG B 169 -4.49 18.57 8.20
C ARG B 169 -4.20 17.74 9.47
N THR B 170 -5.09 17.74 10.43
CA THR B 170 -4.92 16.95 11.63
C THR B 170 -5.77 15.72 11.53
N LEU B 171 -5.13 14.60 11.69
CA LEU B 171 -5.80 13.34 11.62
C LEU B 171 -6.19 12.84 13.00
N TYR B 172 -7.48 12.57 13.15
CA TYR B 172 -8.04 12.07 14.40
C TYR B 172 -8.04 10.56 14.44
N PRO B 173 -8.17 10.04 15.64
CA PRO B 173 -8.15 8.61 15.81
C PRO B 173 -8.98 7.75 14.92
N GLU B 174 -10.21 8.10 14.72
CA GLU B 174 -11.04 7.26 13.90
C GLU B 174 -10.49 7.15 12.50
N GLU B 175 -10.11 8.28 11.99
CA GLU B 175 -9.59 8.30 10.66
C GLU B 175 -8.24 7.60 10.58
N ALA B 176 -7.43 7.78 11.62
CA ALA B 176 -6.11 7.13 11.65
C ALA B 176 -6.29 5.64 11.65
N LYS B 177 -7.27 5.17 12.39
CA LYS B 177 -7.51 3.75 12.43
C LYS B 177 -7.94 3.24 11.06
N ASP B 178 -8.85 3.99 10.47
CA ASP B 178 -9.35 3.62 9.15
C ASP B 178 -8.21 3.50 8.14
N TRP B 179 -7.28 4.44 8.25
CA TRP B 179 -6.11 4.54 7.40
C TRP B 179 -5.12 3.44 7.65
N GLY B 180 -5.18 2.83 8.80
CA GLY B 180 -4.24 1.78 9.15
C GLY B 180 -3.01 2.37 9.87
N LEU B 181 -3.10 3.65 10.21
CA LEU B 181 -2.08 4.35 10.90
C LEU B 181 -1.95 3.86 12.37
N VAL B 182 -3.04 3.40 12.94
CA VAL B 182 -3.10 2.83 14.27
C VAL B 182 -3.95 1.62 14.09
N SER B 183 -3.77 0.63 14.92
CA SER B 183 -4.55 -0.57 14.83
C SER B 183 -5.84 -0.49 15.62
N ARG B 184 -5.75 0.14 16.79
CA ARG B 184 -6.83 0.31 17.73
C ARG B 184 -6.69 1.64 18.49
N VAL B 185 -7.90 2.08 18.95
CA VAL B 185 -8.14 3.29 19.73
C VAL B 185 -8.81 2.88 21.06
N TYR B 186 -8.28 3.45 22.12
CA TYR B 186 -8.81 3.15 23.45
C TYR B 186 -9.16 4.44 24.19
N PRO B 187 -10.16 4.37 25.08
CA PRO B 187 -10.50 5.56 25.88
C PRO B 187 -9.27 6.07 26.67
N LYS B 188 -9.11 7.39 26.63
CA LYS B 188 -8.03 8.02 27.29
C LYS B 188 -7.73 7.45 28.66
N ASP B 189 -8.74 7.34 29.51
CA ASP B 189 -8.60 6.83 30.86
C ASP B 189 -8.14 5.40 30.99
N GLU B 190 -8.26 4.61 29.92
CA GLU B 190 -7.83 3.21 30.05
C GLU B 190 -6.56 2.85 29.24
N PHE B 191 -6.18 3.81 28.43
CA PHE B 191 -5.05 3.67 27.52
C PHE B 191 -3.82 3.12 28.14
N ARG B 192 -3.28 3.84 29.12
CA ARG B 192 -2.07 3.36 29.73
C ARG B 192 -2.07 1.94 30.08
N GLU B 193 -3.13 1.55 30.74
CA GLU B 193 -3.21 0.19 31.15
C GLU B 193 -3.28 -0.76 30.00
N VAL B 194 -4.06 -0.41 29.00
CA VAL B 194 -4.20 -1.29 27.87
C VAL B 194 -2.89 -1.52 27.14
N ALA B 195 -2.24 -0.38 26.93
CA ALA B 195 -0.98 -0.34 26.23
C ALA B 195 0.07 -1.12 26.98
N TRP B 196 0.08 -0.98 28.30
CA TRP B 196 1.07 -1.69 29.10
C TRP B 196 0.89 -3.22 28.98
N LYS B 197 -0.36 -3.70 28.97
CA LYS B 197 -0.62 -5.13 28.82
C LYS B 197 -0.22 -5.57 27.39
N VAL B 198 -0.56 -4.80 26.36
CA VAL B 198 -0.16 -5.23 25.00
C VAL B 198 1.34 -5.38 24.96
N ALA B 199 2.04 -4.37 25.47
CA ALA B 199 3.52 -4.42 25.50
C ALA B 199 4.04 -5.71 26.15
N ARG B 200 3.50 -6.04 27.32
CA ARG B 200 3.95 -7.23 27.98
C ARG B 200 3.65 -8.47 27.19
N GLU B 201 2.55 -8.49 26.48
CA GLU B 201 2.24 -9.68 25.70
C GLU B 201 3.23 -9.79 24.49
N LEU B 202 3.56 -8.64 23.89
CA LEU B 202 4.52 -8.64 22.78
C LEU B 202 5.87 -9.10 23.32
N ALA B 203 6.20 -8.73 24.56
CA ALA B 203 7.46 -9.13 25.13
C ALA B 203 7.50 -10.59 25.38
N ALA B 204 6.38 -11.10 25.85
CA ALA B 204 6.31 -12.52 26.17
C ALA B 204 6.31 -13.41 24.96
N ALA B 205 5.86 -12.91 23.87
CA ALA B 205 5.89 -13.75 22.68
C ALA B 205 7.37 -13.95 22.20
N PRO B 206 7.61 -15.02 21.41
CA PRO B 206 8.93 -15.42 20.88
C PRO B 206 9.61 -14.36 20.03
N THR B 207 10.59 -13.68 20.61
CA THR B 207 11.30 -12.62 19.96
C THR B 207 11.93 -13.04 18.65
N HIS B 208 12.43 -14.27 18.66
CA HIS B 208 13.10 -14.75 17.44
C HIS B 208 12.22 -14.74 16.24
N LEU B 209 11.02 -15.24 16.44
CA LEU B 209 10.08 -15.25 15.35
C LEU B 209 9.65 -13.83 14.97
N GLN B 210 9.49 -12.95 16.00
CA GLN B 210 9.08 -11.57 15.77
C GLN B 210 10.07 -10.81 14.95
N VAL B 211 11.34 -11.01 15.28
CA VAL B 211 12.36 -10.32 14.53
C VAL B 211 12.40 -10.81 13.07
N MET B 212 12.27 -12.08 12.90
CA MET B 212 12.25 -12.66 11.55
C MET B 212 11.19 -11.98 10.72
N ALA B 213 10.01 -11.86 11.29
CA ALA B 213 8.87 -11.22 10.60
C ALA B 213 9.11 -9.78 10.27
N LYS B 214 9.61 -9.06 11.29
CA LYS B 214 9.88 -7.63 11.17
C LYS B 214 10.90 -7.29 10.11
N GLU B 215 12.01 -8.02 10.16
CA GLU B 215 13.07 -7.73 9.17
C GLU B 215 12.62 -8.12 7.75
N ARG B 216 11.96 -9.26 7.64
CA ARG B 216 11.48 -9.69 6.33
C ARG B 216 10.44 -8.66 5.81
N PHE B 217 9.58 -8.10 6.68
CA PHE B 217 8.59 -7.14 6.15
C PHE B 217 9.25 -5.92 5.53
N HIS B 218 10.22 -5.34 6.23
CA HIS B 218 10.90 -4.19 5.72
C HIS B 218 11.66 -4.51 4.44
N ALA B 219 12.40 -5.63 4.48
CA ALA B 219 13.16 -6.01 3.29
C ALA B 219 12.28 -6.39 2.08
N GLY B 220 11.32 -7.26 2.33
CA GLY B 220 10.43 -7.77 1.27
C GLY B 220 9.58 -6.76 0.48
N TRP B 221 9.33 -5.58 1.06
CA TRP B 221 8.53 -4.57 0.37
C TRP B 221 9.14 -4.22 -0.99
N MET B 222 10.48 -4.27 -1.00
CA MET B 222 11.30 -3.93 -2.16
C MET B 222 11.88 -5.11 -2.92
N GLN B 223 11.59 -6.32 -2.56
CA GLN B 223 12.21 -7.45 -3.26
C GLN B 223 11.23 -8.32 -4.04
N PRO B 224 11.72 -8.95 -5.10
CA PRO B 224 10.90 -9.83 -5.91
C PRO B 224 10.60 -11.06 -5.13
N VAL B 225 9.52 -11.71 -5.48
CA VAL B 225 9.12 -12.89 -4.72
C VAL B 225 10.17 -13.99 -4.50
N GLU B 226 10.90 -14.36 -5.55
CA GLU B 226 11.83 -15.45 -5.41
C GLU B 226 12.97 -15.11 -4.49
N GLU B 227 13.24 -13.84 -4.35
CA GLU B 227 14.31 -13.45 -3.45
C GLU B 227 13.70 -13.45 -2.04
N CYS B 228 12.45 -12.97 -1.92
CA CYS B 228 11.81 -12.98 -0.61
C CYS B 228 11.75 -14.41 0.00
N THR B 229 11.31 -15.41 -0.82
CA THR B 229 11.18 -16.78 -0.31
C THR B 229 12.49 -17.40 0.13
N GLU B 230 13.60 -16.98 -0.48
CA GLU B 230 14.87 -17.55 -0.06
C GLU B 230 15.19 -17.10 1.37
N PHE B 231 15.02 -15.80 1.66
CA PHE B 231 15.30 -15.31 3.04
C PHE B 231 14.27 -15.87 4.03
N GLU B 232 13.03 -16.04 3.53
CA GLU B 232 11.95 -16.62 4.34
C GLU B 232 12.31 -18.06 4.70
N ILE B 233 12.74 -18.83 3.72
CA ILE B 233 13.12 -20.23 4.00
C ILE B 233 14.31 -20.37 4.99
N GLN B 234 15.25 -19.46 4.86
CA GLN B 234 16.38 -19.47 5.77
C GLN B 234 15.83 -19.36 7.19
N ASN B 235 14.84 -18.50 7.41
CA ASN B 235 14.21 -18.31 8.73
C ASN B 235 13.48 -19.57 9.16
N VAL B 236 12.82 -20.20 8.22
CA VAL B 236 12.08 -21.41 8.53
C VAL B 236 12.98 -22.49 9.10
N ILE B 237 14.06 -22.71 8.33
CA ILE B 237 15.04 -23.70 8.69
C ILE B 237 15.63 -23.39 10.08
N ALA B 238 16.03 -22.16 10.27
CA ALA B 238 16.56 -21.76 11.55
C ALA B 238 15.50 -22.00 12.64
N SER B 239 14.25 -21.60 12.37
CA SER B 239 13.18 -21.76 13.36
C SER B 239 12.87 -23.19 13.72
N VAL B 240 12.89 -24.13 12.78
CA VAL B 240 12.57 -25.49 13.16
C VAL B 240 13.71 -26.19 13.90
N THR B 241 14.86 -25.56 13.86
CA THR B 241 16.06 -26.06 14.49
C THR B 241 16.13 -25.58 15.93
N HIS B 242 15.54 -24.44 16.16
CA HIS B 242 15.51 -23.81 17.43
C HIS B 242 14.69 -24.67 18.42
N PRO B 243 15.13 -24.70 19.70
CA PRO B 243 14.47 -25.47 20.76
C PRO B 243 12.98 -25.10 21.00
N HIS B 244 12.64 -23.87 20.64
CA HIS B 244 11.28 -23.46 20.80
C HIS B 244 10.29 -24.30 19.99
N PHE B 245 10.78 -24.81 18.84
CA PHE B 245 9.97 -25.57 17.92
C PHE B 245 9.19 -26.81 18.28
N MET B 246 9.91 -27.89 18.58
CA MET B 246 9.29 -29.17 18.86
C MET B 246 8.14 -29.15 19.82
N PRO B 247 8.32 -28.41 20.89
CA PRO B 247 7.26 -28.28 21.89
C PRO B 247 5.96 -27.76 21.29
N CYS B 248 6.07 -26.76 20.41
CA CYS B 248 4.87 -26.23 19.78
C CYS B 248 4.22 -27.25 18.92
N LEU B 249 5.07 -27.95 18.18
CA LEU B 249 4.56 -28.96 17.30
C LEU B 249 3.81 -30.05 18.06
N THR B 250 4.52 -30.59 19.04
CA THR B 250 3.90 -31.67 19.85
C THR B 250 2.57 -31.29 20.51
N ARG B 251 2.55 -30.04 21.00
CA ARG B 251 1.35 -29.57 21.62
C ARG B 251 0.24 -29.59 20.62
N PHE B 252 0.52 -29.14 19.39
CA PHE B 252 -0.53 -29.12 18.36
C PHE B 252 -1.14 -30.49 18.10
N LEU B 253 -0.23 -31.44 17.88
CA LEU B 253 -0.59 -32.80 17.60
C LEU B 253 -1.29 -33.49 18.76
N ASP B 254 -0.92 -33.05 19.95
CA ASP B 254 -1.49 -33.59 21.18
C ASP B 254 -2.94 -33.18 21.39
N GLY B 255 -3.32 -32.03 20.82
CA GLY B 255 -4.68 -31.51 20.94
C GLY B 255 -4.71 -30.18 21.69
N HIS B 256 -3.54 -29.63 22.03
CA HIS B 256 -3.60 -28.36 22.71
C HIS B 256 -3.95 -27.30 21.71
N ARG B 257 -4.71 -26.31 22.11
CA ARG B 257 -5.10 -25.23 21.23
C ARG B 257 -5.10 -23.99 22.11
N ALA B 258 -4.59 -22.88 21.56
CA ALA B 258 -4.51 -21.62 22.28
C ALA B 258 -5.89 -21.00 22.37
N ASP B 259 -6.26 -20.54 23.56
CA ASP B 259 -7.57 -19.96 23.70
C ASP B 259 -7.60 -18.48 23.32
N ARG B 260 -6.39 -17.95 23.02
CA ARG B 260 -6.20 -16.55 22.66
C ARG B 260 -5.01 -16.27 21.72
N PRO B 261 -5.04 -15.10 21.05
CA PRO B 261 -3.96 -14.73 20.15
C PRO B 261 -2.71 -14.55 20.94
N GLN B 262 -1.59 -14.58 20.25
CA GLN B 262 -0.29 -14.39 20.87
C GLN B 262 -0.26 -13.03 21.64
N VAL B 263 -0.77 -12.03 20.95
CA VAL B 263 -0.88 -10.66 21.41
C VAL B 263 -2.30 -10.22 21.21
N GLU B 264 -2.94 -9.96 22.31
CA GLU B 264 -4.31 -9.53 22.24
C GLU B 264 -4.53 -8.04 22.27
N LEU B 265 -5.13 -7.53 21.21
CA LEU B 265 -5.42 -6.11 21.16
C LEU B 265 -6.91 -6.02 21.46
N PRO B 266 -7.28 -5.40 22.54
CA PRO B 266 -8.71 -5.36 22.78
C PRO B 266 -9.42 -4.47 21.74
N ALA B 267 -10.70 -4.72 21.55
CA ALA B 267 -11.49 -3.97 20.57
C ALA B 267 -11.35 -2.48 20.67
N GLY B 268 -11.42 -1.97 21.91
CA GLY B 268 -11.27 -0.53 21.98
C GLY B 268 -12.49 0.18 21.38
N VAL B 269 -12.29 1.42 20.98
CA VAL B 269 -13.40 2.21 20.45
C VAL B 269 -13.25 2.72 19.00
N MET C 1 -1.73 30.77 -27.94
CA MET C 1 -2.76 30.06 -27.22
C MET C 1 -2.86 28.59 -27.61
N TYR C 2 -3.44 27.79 -26.71
CA TYR C 2 -3.60 26.38 -27.02
C TYR C 2 -4.79 26.26 -27.90
N GLU C 3 -4.81 25.21 -28.64
CA GLU C 3 -5.87 24.94 -29.55
C GLU C 3 -6.65 23.73 -29.16
N ALA C 4 -6.05 22.86 -28.35
CA ALA C 4 -6.77 21.65 -28.01
C ALA C 4 -7.14 21.50 -26.54
N ILE C 5 -6.77 22.48 -25.72
CA ILE C 5 -7.11 22.36 -24.33
C ILE C 5 -7.48 23.72 -23.80
N GLY C 6 -8.13 23.72 -22.65
CA GLY C 6 -8.46 24.96 -22.02
C GLY C 6 -7.29 25.26 -21.10
N HIS C 7 -6.95 26.54 -20.90
CA HIS C 7 -5.84 26.94 -20.04
C HIS C 7 -5.98 28.34 -19.44
N ARG C 8 -6.15 28.38 -18.11
CA ARG C 8 -6.35 29.55 -17.25
C ARG C 8 -5.25 29.67 -16.22
N VAL C 9 -4.79 30.87 -15.94
CA VAL C 9 -3.78 31.08 -14.91
C VAL C 9 -4.33 32.16 -13.99
N GLU C 10 -4.75 31.74 -12.81
CA GLU C 10 -5.35 32.64 -11.89
C GLU C 10 -5.01 32.34 -10.48
N ASP C 11 -4.76 33.41 -9.76
CA ASP C 11 -4.43 33.30 -8.37
C ASP C 11 -3.39 32.22 -8.13
N GLY C 12 -2.34 32.23 -8.95
CA GLY C 12 -1.21 31.30 -8.89
C GLY C 12 -1.48 29.85 -9.25
N VAL C 13 -2.63 29.65 -9.83
CA VAL C 13 -3.02 28.33 -10.23
C VAL C 13 -3.11 28.24 -11.72
N ALA C 14 -2.40 27.29 -12.30
CA ALA C 14 -2.50 27.13 -13.72
C ALA C 14 -3.48 25.98 -13.90
N GLU C 15 -4.64 26.32 -14.44
CA GLU C 15 -5.69 25.34 -14.66
C GLU C 15 -5.70 24.79 -16.06
N ILE C 16 -5.55 23.48 -16.12
CA ILE C 16 -5.53 22.78 -17.38
C ILE C 16 -6.85 22.07 -17.53
N THR C 17 -7.54 22.42 -18.59
CA THR C 17 -8.82 21.80 -18.83
C THR C 17 -8.83 20.91 -20.03
N ILE C 18 -9.14 19.66 -19.76
CA ILE C 18 -9.22 18.68 -20.84
C ILE C 18 -10.51 19.07 -21.52
N LYS C 19 -10.42 19.40 -22.79
CA LYS C 19 -11.61 19.86 -23.47
C LYS C 19 -12.00 19.29 -24.83
N LEU C 20 -12.85 18.26 -24.85
CA LEU C 20 -13.36 17.60 -26.07
C LEU C 20 -14.68 16.96 -25.69
N PRO C 21 -15.47 17.84 -25.08
CA PRO C 21 -16.73 17.51 -24.54
C PRO C 21 -17.56 16.70 -25.47
N ARG C 22 -17.53 16.99 -26.77
CA ARG C 22 -18.41 16.13 -27.55
C ARG C 22 -18.06 14.67 -27.49
N HIS C 23 -16.76 14.44 -27.27
CA HIS C 23 -16.29 13.08 -27.20
C HIS C 23 -15.81 12.66 -25.83
N ARG C 24 -16.49 13.14 -24.80
CA ARG C 24 -16.18 12.80 -23.42
C ARG C 24 -14.78 13.17 -22.94
N ASN C 25 -14.28 14.24 -23.49
CA ASN C 25 -12.97 14.66 -23.10
C ASN C 25 -11.82 13.66 -23.34
N ALA C 26 -11.96 12.78 -24.37
CA ALA C 26 -10.90 11.84 -24.75
C ALA C 26 -9.70 12.73 -25.08
N LEU C 27 -8.46 12.26 -24.93
CA LEU C 27 -7.34 13.14 -25.19
C LEU C 27 -6.77 12.92 -26.54
N SER C 28 -6.72 13.98 -27.32
CA SER C 28 -6.16 13.74 -28.61
C SER C 28 -4.67 13.95 -28.51
N VAL C 29 -3.95 13.47 -29.54
CA VAL C 29 -2.52 13.63 -29.59
C VAL C 29 -2.12 15.10 -29.43
N LYS C 30 -2.87 15.98 -30.08
CA LYS C 30 -2.52 17.39 -29.97
C LYS C 30 -2.67 17.91 -28.58
N ALA C 31 -3.78 17.52 -28.01
CA ALA C 31 -4.06 17.95 -26.69
C ALA C 31 -2.97 17.52 -25.72
N MET C 32 -2.58 16.27 -25.83
CA MET C 32 -1.55 15.73 -24.92
C MET C 32 -0.32 16.58 -24.90
N GLN C 33 0.08 16.91 -26.12
CA GLN C 33 1.23 17.71 -26.30
C GLN C 33 1.07 19.06 -25.60
N GLU C 34 -0.14 19.64 -25.67
CA GLU C 34 -0.33 20.93 -25.00
C GLU C 34 -0.34 20.79 -23.47
N VAL C 35 -0.86 19.65 -22.98
CA VAL C 35 -0.89 19.43 -21.54
C VAL C 35 0.52 19.45 -21.06
N THR C 36 1.38 18.67 -21.74
CA THR C 36 2.75 18.68 -21.32
C THR C 36 3.40 20.07 -21.37
N ASP C 37 3.11 20.80 -22.42
CA ASP C 37 3.65 22.13 -22.54
C ASP C 37 3.15 23.00 -21.40
N ALA C 38 1.86 22.90 -21.12
CA ALA C 38 1.28 23.68 -20.05
C ALA C 38 1.98 23.36 -18.74
N LEU C 39 2.40 22.08 -18.58
CA LEU C 39 3.10 21.61 -17.36
C LEU C 39 4.47 22.26 -17.20
N ASN C 40 5.19 22.23 -18.30
CA ASN C 40 6.48 22.84 -18.33
C ASN C 40 6.40 24.31 -18.02
N ARG C 41 5.45 24.95 -18.67
CA ARG C 41 5.32 26.38 -18.44
C ARG C 41 5.00 26.74 -16.99
N ALA C 42 4.11 25.96 -16.38
CA ALA C 42 3.71 26.20 -15.01
C ALA C 42 4.90 26.18 -14.06
N GLU C 43 5.73 25.20 -14.26
CA GLU C 43 6.91 24.99 -13.48
C GLU C 43 7.90 26.10 -13.71
N GLU C 44 7.84 26.68 -14.91
CA GLU C 44 8.77 27.76 -15.27
C GLU C 44 8.36 29.12 -14.75
N ASP C 45 7.08 29.22 -14.39
CA ASP C 45 6.45 30.44 -13.91
C ASP C 45 6.46 30.64 -12.44
N ASP C 46 7.29 31.58 -12.02
CA ASP C 46 7.39 31.90 -10.60
C ASP C 46 6.07 32.32 -9.97
N SER C 47 5.11 32.73 -10.81
CA SER C 47 3.78 33.16 -10.35
C SER C 47 2.87 32.01 -10.00
N VAL C 48 3.06 30.89 -10.70
CA VAL C 48 2.25 29.71 -10.50
C VAL C 48 2.74 28.86 -9.32
N GLY C 49 1.82 28.51 -8.43
CA GLY C 49 2.17 27.73 -7.27
C GLY C 49 1.53 26.36 -7.30
N ALA C 50 0.61 26.17 -8.23
CA ALA C 50 -0.09 24.91 -8.36
C ALA C 50 -0.72 24.76 -9.71
N VAL C 51 -1.01 23.51 -10.04
CA VAL C 51 -1.61 23.16 -11.30
C VAL C 51 -2.85 22.37 -11.03
N MET C 52 -3.90 22.71 -11.76
CA MET C 52 -5.12 21.97 -11.63
C MET C 52 -5.53 21.40 -12.96
N ILE C 53 -5.84 20.10 -12.92
CA ILE C 53 -6.26 19.39 -14.09
C ILE C 53 -7.71 19.00 -13.93
N THR C 54 -8.50 19.40 -14.92
CA THR C 54 -9.90 19.08 -14.88
C THR C 54 -10.44 18.93 -16.28
N GLY C 55 -11.65 18.41 -16.35
CA GLY C 55 -12.23 18.25 -17.67
C GLY C 55 -13.32 19.28 -17.93
N ALA C 56 -13.61 19.50 -19.21
CA ALA C 56 -14.65 20.43 -19.63
C ALA C 56 -16.02 19.82 -19.37
N GLU C 57 -16.97 20.66 -18.99
CA GLU C 57 -18.28 20.13 -18.78
C GLU C 57 -18.43 19.17 -17.62
N ASP C 58 -19.11 18.07 -17.99
CA ASP C 58 -19.43 17.05 -17.04
C ASP C 58 -18.58 15.81 -17.06
N ALA C 59 -17.52 15.81 -17.87
CA ALA C 59 -16.68 14.62 -17.93
C ALA C 59 -15.27 14.94 -17.56
N PHE C 60 -14.56 13.95 -16.99
CA PHE C 60 -13.18 14.27 -16.69
C PHE C 60 -12.34 13.97 -17.95
N CYS C 61 -12.27 12.71 -18.34
CA CYS C 61 -11.49 12.35 -19.50
C CYS C 61 -11.76 10.89 -19.79
N ALA C 62 -12.24 10.62 -21.00
CA ALA C 62 -12.57 9.29 -21.40
C ALA C 62 -11.36 8.49 -21.90
N GLY C 63 -10.14 9.02 -21.73
CA GLY C 63 -8.97 8.25 -22.18
C GLY C 63 -8.49 8.45 -23.64
N PHE C 64 -7.94 7.39 -24.24
CA PHE C 64 -7.42 7.44 -25.61
C PHE C 64 -8.46 8.00 -26.59
N TYR C 65 -8.06 8.90 -27.49
CA TYR C 65 -9.07 9.38 -28.42
C TYR C 65 -9.11 8.38 -29.52
N LEU C 66 -10.02 7.45 -29.34
CA LEU C 66 -10.17 6.38 -30.31
C LEU C 66 -10.64 6.81 -31.72
N ARG C 67 -11.24 8.00 -31.84
CA ARG C 67 -11.74 8.51 -33.13
C ARG C 67 -10.63 9.05 -34.01
N GLU C 68 -9.42 9.03 -33.46
CA GLU C 68 -8.23 9.52 -34.13
C GLU C 68 -7.52 8.37 -34.75
N ILE C 69 -7.98 7.19 -34.42
CA ILE C 69 -7.31 6.05 -34.98
C ILE C 69 -7.61 5.87 -36.44
N PRO C 70 -6.57 5.87 -37.25
CA PRO C 70 -6.68 5.71 -38.71
C PRO C 70 -7.18 4.32 -39.06
N LEU C 71 -8.15 4.26 -39.94
CA LEU C 71 -8.66 2.95 -40.28
C LEU C 71 -8.46 2.58 -41.73
N ASP C 72 -7.94 3.53 -42.48
CA ASP C 72 -7.72 3.30 -43.88
C ASP C 72 -6.30 2.82 -44.24
N LYS C 73 -5.44 2.54 -43.25
CA LYS C 73 -4.05 2.12 -43.45
C LYS C 73 -3.69 0.76 -42.92
N GLY C 74 -4.69 -0.08 -42.70
CA GLY C 74 -4.41 -1.40 -42.22
C GLY C 74 -3.87 -1.46 -40.79
N VAL C 75 -3.49 -2.66 -40.41
CA VAL C 75 -2.96 -2.90 -39.10
C VAL C 75 -1.81 -1.95 -38.81
N ALA C 76 -0.88 -1.88 -39.76
CA ALA C 76 0.27 -1.01 -39.60
C ALA C 76 -0.09 0.43 -39.35
N GLY C 77 -1.19 0.83 -39.95
CA GLY C 77 -1.57 2.20 -39.74
C GLY C 77 -2.02 2.32 -38.30
N VAL C 78 -2.65 1.26 -37.79
CA VAL C 78 -3.14 1.32 -36.40
C VAL C 78 -1.99 1.46 -35.41
N ARG C 79 -1.08 0.56 -35.60
CA ARG C 79 0.11 0.44 -34.85
C ARG C 79 0.90 1.71 -34.87
N ASP C 80 1.06 2.27 -36.05
CA ASP C 80 1.82 3.48 -36.11
C ASP C 80 1.18 4.61 -35.30
N HIS C 81 -0.16 4.69 -35.34
CA HIS C 81 -0.84 5.73 -34.61
C HIS C 81 -0.61 5.56 -33.09
N PHE C 82 -0.76 4.34 -32.66
CA PHE C 82 -0.60 4.06 -31.25
C PHE C 82 0.81 4.33 -30.78
N ARG C 83 1.82 4.16 -31.66
CA ARG C 83 3.21 4.45 -31.26
C ARG C 83 3.37 5.91 -30.98
N ILE C 84 2.76 6.74 -31.85
CA ILE C 84 2.90 8.16 -31.65
C ILE C 84 2.12 8.57 -30.39
N ALA C 85 0.87 8.06 -30.38
CA ALA C 85 -0.03 8.36 -29.27
C ALA C 85 0.59 7.92 -27.93
N ALA C 86 1.09 6.68 -27.89
CA ALA C 86 1.73 6.20 -26.65
C ALA C 86 2.87 7.14 -26.21
N LEU C 87 3.63 7.62 -27.18
CA LEU C 87 4.72 8.50 -26.87
C LEU C 87 4.24 9.72 -26.14
N TRP C 88 3.25 10.36 -26.73
CA TRP C 88 2.75 11.58 -26.13
C TRP C 88 2.06 11.39 -24.82
N TRP C 89 1.28 10.32 -24.71
CA TRP C 89 0.54 10.04 -23.48
C TRP C 89 1.45 9.89 -22.27
N HIS C 90 2.55 9.18 -22.47
CA HIS C 90 3.51 8.91 -21.42
C HIS C 90 4.40 10.06 -21.12
N GLN C 91 4.70 10.86 -22.13
CA GLN C 91 5.52 12.05 -21.89
C GLN C 91 4.74 12.98 -20.91
N MET C 92 3.42 13.02 -21.13
CA MET C 92 2.51 13.80 -20.33
C MET C 92 2.30 13.15 -18.92
N ILE C 93 2.02 11.84 -18.87
CA ILE C 93 1.85 11.16 -17.55
C ILE C 93 3.13 11.38 -16.71
N HIS C 94 4.28 11.15 -17.31
CA HIS C 94 5.52 11.33 -16.62
C HIS C 94 5.63 12.72 -16.06
N LYS C 95 5.24 13.71 -16.88
CA LYS C 95 5.34 15.12 -16.48
C LYS C 95 4.59 15.48 -15.24
N ILE C 96 3.39 14.92 -15.20
CA ILE C 96 2.53 15.14 -14.08
C ILE C 96 3.22 14.70 -12.78
N ILE C 97 3.83 13.52 -12.84
CA ILE C 97 4.53 12.97 -11.69
C ILE C 97 5.85 13.69 -11.40
N ARG C 98 6.53 14.08 -12.45
CA ARG C 98 7.81 14.74 -12.29
C ARG C 98 7.76 16.24 -12.16
N VAL C 99 6.70 16.87 -12.64
CA VAL C 99 6.66 18.33 -12.57
C VAL C 99 6.90 18.91 -11.20
N LYS C 100 7.70 19.98 -11.17
CA LYS C 100 8.02 20.67 -9.95
C LYS C 100 6.92 21.62 -9.40
N ARG C 101 5.70 21.13 -9.32
CA ARG C 101 4.55 21.86 -8.82
C ARG C 101 3.57 20.84 -8.30
N PRO C 102 2.74 21.20 -7.36
CA PRO C 102 1.76 20.24 -6.90
C PRO C 102 0.71 20.16 -7.97
N VAL C 103 0.16 19.00 -8.23
CA VAL C 103 -0.86 18.86 -9.27
C VAL C 103 -2.15 18.32 -8.66
N LEU C 104 -3.24 19.09 -8.81
CA LEU C 104 -4.50 18.64 -8.25
C LEU C 104 -5.37 18.13 -9.36
N ALA C 105 -5.89 16.94 -9.16
CA ALA C 105 -6.75 16.40 -10.17
C ALA C 105 -8.19 16.63 -9.71
N ALA C 106 -8.92 17.51 -10.38
CA ALA C 106 -10.32 17.81 -10.02
C ALA C 106 -11.24 17.02 -10.95
N ILE C 107 -11.59 15.83 -10.49
CA ILE C 107 -12.39 14.94 -11.28
C ILE C 107 -13.86 15.23 -11.30
N ASN C 108 -14.18 16.07 -12.25
CA ASN C 108 -15.54 16.54 -12.44
C ASN C 108 -16.48 15.54 -13.05
N GLY C 109 -16.02 14.34 -13.35
CA GLY C 109 -16.94 13.37 -13.95
C GLY C 109 -16.23 12.08 -14.31
N VAL C 110 -16.71 11.34 -15.26
CA VAL C 110 -16.11 10.08 -15.64
C VAL C 110 -14.64 10.16 -16.01
N ALA C 111 -13.88 9.17 -15.52
CA ALA C 111 -12.44 9.03 -15.77
C ALA C 111 -12.25 7.58 -16.21
N ALA C 112 -11.92 7.42 -17.51
CA ALA C 112 -11.71 6.06 -18.08
C ALA C 112 -10.34 5.90 -18.76
N GLY C 113 -9.79 4.67 -18.70
CA GLY C 113 -8.50 4.41 -19.30
C GLY C 113 -7.49 5.47 -18.91
N GLY C 114 -6.87 6.08 -19.92
CA GLY C 114 -5.91 7.12 -19.67
C GLY C 114 -6.40 8.26 -18.76
N GLY C 115 -7.72 8.45 -18.70
CA GLY C 115 -8.27 9.50 -17.84
C GLY C 115 -8.09 9.10 -16.35
N LEU C 116 -8.25 7.81 -16.07
CA LEU C 116 -8.03 7.27 -14.74
C LEU C 116 -6.50 7.44 -14.50
N GLY C 117 -5.72 7.10 -15.53
CA GLY C 117 -4.25 7.23 -15.44
C GLY C 117 -3.86 8.61 -14.96
N ILE C 118 -4.51 9.60 -15.56
CA ILE C 118 -4.24 10.98 -15.22
C ILE C 118 -4.59 11.23 -13.80
N SER C 119 -5.73 10.65 -13.45
CA SER C 119 -6.20 10.79 -12.07
C SER C 119 -5.19 10.21 -11.07
N LEU C 120 -4.65 9.05 -11.39
CA LEU C 120 -3.69 8.39 -10.50
C LEU C 120 -2.33 9.08 -10.45
N ALA C 121 -1.94 9.72 -11.54
CA ALA C 121 -0.66 10.36 -11.57
C ALA C 121 -0.58 11.63 -10.79
N SER C 122 -1.72 12.29 -10.63
CA SER C 122 -1.72 13.56 -9.91
C SER C 122 -1.36 13.40 -8.44
N ASP C 123 -0.88 14.50 -7.83
CA ASP C 123 -0.49 14.58 -6.42
C ASP C 123 -1.66 14.48 -5.47
N MET C 124 -2.79 15.10 -5.81
CA MET C 124 -3.98 15.06 -4.97
C MET C 124 -5.17 14.92 -5.87
N ALA C 125 -6.20 14.31 -5.35
CA ALA C 125 -7.38 14.14 -6.15
C ALA C 125 -8.67 14.20 -5.35
N ILE C 126 -9.63 14.94 -5.93
CA ILE C 126 -10.95 15.10 -5.40
C ILE C 126 -11.91 14.97 -6.55
N CYS C 127 -13.12 14.52 -6.27
CA CYS C 127 -14.09 14.37 -7.32
C CYS C 127 -15.50 14.83 -6.93
N ALA C 128 -16.31 15.04 -7.95
CA ALA C 128 -17.71 15.40 -7.77
C ALA C 128 -18.46 14.10 -7.53
N ASP C 129 -19.57 14.21 -6.80
CA ASP C 129 -20.37 13.06 -6.51
C ASP C 129 -20.91 12.35 -7.74
N SER C 130 -20.83 13.02 -8.89
CA SER C 130 -21.30 12.45 -10.15
C SER C 130 -20.16 11.76 -10.94
N ALA C 131 -18.95 11.75 -10.34
CA ALA C 131 -17.82 11.12 -11.04
C ALA C 131 -17.86 9.59 -10.93
N LYS C 132 -17.01 8.90 -11.71
CA LYS C 132 -16.88 7.47 -11.72
C LYS C 132 -15.56 7.16 -12.44
N PHE C 133 -15.05 6.00 -12.12
CA PHE C 133 -13.78 5.53 -12.64
C PHE C 133 -13.91 4.15 -13.16
N VAL C 134 -13.30 3.92 -14.35
CA VAL C 134 -13.35 2.60 -14.93
C VAL C 134 -12.07 2.42 -15.75
N CYS C 135 -11.51 1.21 -15.70
CA CYS C 135 -10.28 0.94 -16.44
C CYS C 135 -10.43 1.07 -17.97
N ALA C 136 -11.43 0.34 -18.46
CA ALA C 136 -11.80 0.30 -19.88
C ALA C 136 -10.89 -0.54 -20.76
N TRP C 137 -9.57 -0.49 -20.50
CA TRP C 137 -8.61 -1.26 -21.26
C TRP C 137 -9.06 -2.67 -21.67
N HIS C 138 -9.53 -3.47 -20.67
CA HIS C 138 -9.93 -4.83 -20.96
C HIS C 138 -11.13 -5.05 -21.90
N THR C 139 -11.96 -4.03 -22.06
CA THR C 139 -13.12 -4.10 -22.93
C THR C 139 -12.75 -3.51 -24.30
N ILE C 140 -12.08 -2.37 -24.28
CA ILE C 140 -11.65 -1.78 -25.53
C ILE C 140 -10.61 -2.69 -26.28
N GLY C 141 -10.06 -3.67 -25.56
CA GLY C 141 -9.08 -4.61 -26.14
C GLY C 141 -7.60 -4.13 -26.19
N ILE C 142 -7.23 -3.16 -25.35
CA ILE C 142 -5.86 -2.61 -25.30
C ILE C 142 -5.11 -2.94 -23.97
N GLY C 143 -3.80 -3.31 -24.08
CA GLY C 143 -2.98 -3.61 -22.87
C GLY C 143 -2.93 -2.36 -21.99
N ASN C 144 -3.05 -2.50 -20.63
CA ASN C 144 -3.05 -1.34 -19.78
C ASN C 144 -1.79 -0.48 -19.76
N ASP C 145 -2.00 0.84 -19.66
CA ASP C 145 -0.89 1.74 -19.63
C ASP C 145 -1.14 3.01 -18.85
N THR C 146 -0.54 4.11 -19.32
CA THR C 146 -0.62 5.40 -18.69
C THR C 146 -0.15 5.30 -17.24
N ALA C 147 0.90 4.47 -17.03
CA ALA C 147 1.50 4.30 -15.71
C ALA C 147 0.57 3.63 -14.71
N THR C 148 -0.42 2.92 -15.19
CA THR C 148 -1.27 2.27 -14.25
C THR C 148 -0.53 1.16 -13.50
N SER C 149 0.51 0.63 -14.12
CA SER C 149 1.28 -0.44 -13.49
C SER C 149 2.25 0.12 -12.45
N TYR C 150 2.27 1.45 -12.39
CA TYR C 150 3.07 2.19 -11.43
C TYR C 150 2.19 2.76 -10.31
N SER C 151 1.31 3.63 -10.69
CA SER C 151 0.48 4.33 -9.72
C SER C 151 -0.72 3.64 -9.05
N LEU C 152 -1.44 2.74 -9.72
CA LEU C 152 -2.62 2.17 -9.09
C LEU C 152 -2.44 1.45 -7.76
N ALA C 153 -1.53 0.47 -7.75
CA ALA C 153 -1.24 -0.30 -6.55
C ALA C 153 -0.57 0.58 -5.52
N ARG C 154 0.14 1.60 -5.94
CA ARG C 154 0.80 2.49 -4.98
C ARG C 154 -0.25 3.22 -4.20
N ILE C 155 -1.38 3.41 -4.85
CA ILE C 155 -2.46 4.13 -4.16
C ILE C 155 -3.43 3.19 -3.46
N VAL C 156 -3.89 2.16 -4.13
CA VAL C 156 -4.87 1.23 -3.56
C VAL C 156 -4.46 -0.16 -3.15
N GLY C 157 -3.17 -0.47 -3.29
CA GLY C 157 -2.68 -1.79 -2.92
C GLY C 157 -2.83 -2.75 -4.09
N MET C 158 -2.06 -3.83 -4.09
CA MET C 158 -2.11 -4.77 -5.21
C MET C 158 -3.41 -5.49 -5.49
N ARG C 159 -4.09 -5.92 -4.45
CA ARG C 159 -5.33 -6.65 -4.68
C ARG C 159 -6.42 -5.85 -5.40
N ARG C 160 -6.66 -4.62 -4.91
CA ARG C 160 -7.67 -3.74 -5.47
C ARG C 160 -7.30 -3.28 -6.85
N ALA C 161 -6.01 -3.09 -7.06
CA ALA C 161 -5.53 -2.67 -8.38
C ALA C 161 -5.82 -3.78 -9.41
N MET C 162 -5.43 -4.99 -9.05
CA MET C 162 -5.66 -6.06 -9.91
C MET C 162 -7.15 -6.28 -10.19
N GLU C 163 -7.98 -6.20 -9.15
CA GLU C 163 -9.41 -6.42 -9.31
C GLU C 163 -10.07 -5.50 -10.29
N LEU C 164 -9.80 -4.24 -10.07
CA LEU C 164 -10.34 -3.18 -10.86
C LEU C 164 -10.03 -3.37 -12.34
N MET C 165 -8.79 -3.68 -12.62
CA MET C 165 -8.35 -3.88 -13.99
C MET C 165 -8.96 -5.13 -14.63
N LEU C 166 -8.91 -6.19 -13.90
CA LEU C 166 -9.40 -7.40 -14.44
C LEU C 166 -10.92 -7.43 -14.60
N THR C 167 -11.69 -6.93 -13.63
CA THR C 167 -13.16 -6.98 -13.78
C THR C 167 -13.74 -5.92 -14.75
N ASN C 168 -13.05 -4.80 -14.88
CA ASN C 168 -13.46 -3.65 -15.68
C ASN C 168 -14.68 -3.03 -15.02
N ARG C 169 -14.67 -3.15 -13.71
CA ARG C 169 -15.76 -2.64 -12.86
C ARG C 169 -15.67 -1.15 -12.76
N THR C 170 -16.81 -0.48 -12.63
CA THR C 170 -16.81 0.96 -12.48
C THR C 170 -16.79 1.25 -10.97
N LEU C 171 -16.02 2.25 -10.60
CA LEU C 171 -15.89 2.63 -9.23
C LEU C 171 -16.55 3.97 -9.06
N TYR C 172 -17.51 4.00 -8.11
CA TYR C 172 -18.23 5.19 -7.78
C TYR C 172 -17.56 5.89 -6.65
N PRO C 173 -17.89 7.14 -6.48
CA PRO C 173 -17.22 7.93 -5.48
C PRO C 173 -17.05 7.45 -4.07
N GLU C 174 -18.09 6.83 -3.49
CA GLU C 174 -18.01 6.37 -2.13
C GLU C 174 -16.85 5.38 -2.01
N GLU C 175 -16.80 4.42 -2.93
CA GLU C 175 -15.77 3.36 -2.94
C GLU C 175 -14.39 3.91 -3.22
N ALA C 176 -14.34 4.82 -4.18
CA ALA C 176 -13.10 5.47 -4.57
C ALA C 176 -12.47 6.13 -3.37
N LYS C 177 -13.32 6.74 -2.54
CA LYS C 177 -12.81 7.44 -1.37
C LYS C 177 -12.32 6.44 -0.35
N ASP C 178 -13.09 5.37 -0.25
CA ASP C 178 -12.75 4.36 0.69
C ASP C 178 -11.42 3.77 0.36
N TRP C 179 -11.21 3.58 -0.95
CA TRP C 179 -10.00 2.98 -1.49
C TRP C 179 -8.78 3.87 -1.43
N GLY C 180 -8.97 5.20 -1.34
CA GLY C 180 -7.89 6.16 -1.29
C GLY C 180 -7.64 6.79 -2.65
N LEU C 181 -8.48 6.41 -3.60
CA LEU C 181 -8.38 6.93 -4.95
C LEU C 181 -8.63 8.44 -5.05
N VAL C 182 -9.49 8.94 -4.16
CA VAL C 182 -9.80 10.37 -4.06
C VAL C 182 -9.84 10.64 -2.57
N SER C 183 -9.48 11.85 -2.19
CA SER C 183 -9.48 12.22 -0.79
C SER C 183 -10.86 12.64 -0.30
N ARG C 184 -11.58 13.45 -1.12
CA ARG C 184 -12.92 13.94 -0.76
C ARG C 184 -13.84 13.88 -1.96
N VAL C 185 -15.14 13.86 -1.67
CA VAL C 185 -16.19 13.84 -2.67
C VAL C 185 -17.09 15.04 -2.41
N TYR C 186 -17.46 15.75 -3.45
CA TYR C 186 -18.32 16.89 -3.29
C TYR C 186 -19.50 16.93 -4.25
N PRO C 187 -20.60 17.59 -3.82
CA PRO C 187 -21.79 17.69 -4.65
C PRO C 187 -21.45 18.28 -6.00
N LYS C 188 -21.98 17.66 -7.05
CA LYS C 188 -21.75 18.13 -8.41
C LYS C 188 -21.82 19.63 -8.50
N ASP C 189 -22.88 20.18 -7.94
CA ASP C 189 -23.10 21.62 -7.96
C ASP C 189 -22.04 22.48 -7.25
N GLU C 190 -21.51 22.00 -6.13
CA GLU C 190 -20.53 22.80 -5.43
C GLU C 190 -19.07 22.58 -5.91
N PHE C 191 -18.89 21.45 -6.61
CA PHE C 191 -17.58 21.01 -7.14
C PHE C 191 -16.52 21.98 -7.61
N ARG C 192 -16.79 22.65 -8.72
CA ARG C 192 -15.83 23.56 -9.27
C ARG C 192 -15.34 24.62 -8.34
N GLU C 193 -16.25 25.05 -7.54
CA GLU C 193 -15.86 26.06 -6.65
C GLU C 193 -14.99 25.53 -5.52
N VAL C 194 -15.36 24.33 -5.05
CA VAL C 194 -14.57 23.75 -3.98
C VAL C 194 -13.16 23.51 -4.48
N ALA C 195 -13.15 22.93 -5.67
CA ALA C 195 -11.91 22.62 -6.33
C ALA C 195 -11.03 23.83 -6.46
N TRP C 196 -11.60 24.94 -6.89
CA TRP C 196 -10.81 26.14 -7.01
C TRP C 196 -10.24 26.65 -5.68
N LYS C 197 -11.02 26.52 -4.64
CA LYS C 197 -10.54 26.97 -3.36
C LYS C 197 -9.31 26.15 -3.00
N VAL C 198 -9.48 24.84 -3.01
CA VAL C 198 -8.37 23.95 -2.69
C VAL C 198 -7.11 24.27 -3.49
N ALA C 199 -7.30 24.44 -4.79
CA ALA C 199 -6.23 24.76 -5.66
C ALA C 199 -5.58 26.05 -5.27
N ARG C 200 -6.40 27.02 -4.93
CA ARG C 200 -5.78 28.27 -4.59
C ARG C 200 -4.84 28.16 -3.40
N GLU C 201 -5.29 27.37 -2.43
CA GLU C 201 -4.55 27.14 -1.20
C GLU C 201 -3.22 26.43 -1.45
N LEU C 202 -3.29 25.41 -2.29
CA LEU C 202 -2.12 24.65 -2.62
C LEU C 202 -1.13 25.55 -3.25
N ALA C 203 -1.68 26.43 -4.07
CA ALA C 203 -0.85 27.36 -4.78
C ALA C 203 -0.11 28.28 -3.84
N ALA C 204 -0.83 28.70 -2.82
CA ALA C 204 -0.26 29.60 -1.86
C ALA C 204 0.73 28.93 -0.94
N ALA C 205 0.49 27.66 -0.67
CA ALA C 205 1.34 26.88 0.17
C ALA C 205 2.77 26.99 -0.37
N PRO C 206 3.76 26.78 0.48
CA PRO C 206 5.14 26.89 0.06
C PRO C 206 5.56 25.81 -0.95
N THR C 207 5.74 26.25 -2.15
CA THR C 207 6.07 25.41 -3.23
C THR C 207 7.30 24.55 -3.02
N HIS C 208 8.36 25.18 -2.56
CA HIS C 208 9.59 24.44 -2.35
C HIS C 208 9.40 23.26 -1.46
N LEU C 209 8.68 23.50 -0.41
CA LEU C 209 8.43 22.41 0.50
C LEU C 209 7.54 21.33 -0.15
N GLN C 210 6.59 21.76 -0.95
CA GLN C 210 5.71 20.80 -1.60
C GLN C 210 6.50 19.90 -2.56
N VAL C 211 7.39 20.50 -3.34
CA VAL C 211 8.19 19.71 -4.26
C VAL C 211 9.03 18.64 -3.55
N MET C 212 9.68 19.07 -2.44
CA MET C 212 10.51 18.18 -1.61
C MET C 212 9.73 16.93 -1.20
N ALA C 213 8.51 17.18 -0.75
CA ALA C 213 7.65 16.10 -0.32
C ALA C 213 7.23 15.17 -1.44
N LYS C 214 6.91 15.79 -2.57
CA LYS C 214 6.44 15.09 -3.76
C LYS C 214 7.50 14.18 -4.30
N GLU C 215 8.67 14.77 -4.48
CA GLU C 215 9.78 14.02 -5.00
C GLU C 215 10.20 12.92 -4.10
N ARG C 216 10.13 13.24 -2.82
CA ARG C 216 10.51 12.26 -1.83
C ARG C 216 9.55 11.07 -1.80
N PHE C 217 8.27 11.38 -1.94
CA PHE C 217 7.31 10.31 -1.88
C PHE C 217 7.50 9.30 -3.01
N HIS C 218 7.73 9.84 -4.20
CA HIS C 218 7.89 8.97 -5.33
C HIS C 218 9.15 8.13 -5.18
N ALA C 219 10.22 8.81 -4.84
CA ALA C 219 11.50 8.12 -4.69
C ALA C 219 11.52 7.09 -3.55
N GLY C 220 11.07 7.53 -2.37
CA GLY C 220 11.09 6.68 -1.18
C GLY C 220 10.36 5.35 -1.21
N TRP C 221 9.28 5.24 -1.97
CA TRP C 221 8.50 4.03 -2.06
C TRP C 221 9.38 2.81 -2.32
N MET C 222 10.43 3.05 -3.08
CA MET C 222 11.39 2.01 -3.53
C MET C 222 12.76 2.03 -2.82
N GLN C 223 12.95 2.89 -1.84
CA GLN C 223 14.26 2.97 -1.19
C GLN C 223 14.22 2.51 0.28
N PRO C 224 15.38 1.99 0.77
CA PRO C 224 15.57 1.54 2.13
C PRO C 224 15.62 2.83 2.94
N VAL C 225 15.21 2.69 4.20
CA VAL C 225 15.15 3.82 5.12
C VAL C 225 16.38 4.72 5.22
N GLU C 226 17.59 4.12 5.33
CA GLU C 226 18.80 4.96 5.44
C GLU C 226 19.05 5.80 4.19
N GLU C 227 18.67 5.36 3.00
CA GLU C 227 18.88 6.20 1.83
C GLU C 227 17.80 7.31 1.85
N CYS C 228 16.58 6.93 2.22
CA CYS C 228 15.49 7.94 2.29
C CYS C 228 15.85 9.11 3.17
N THR C 229 16.29 8.80 4.39
CA THR C 229 16.65 9.86 5.31
C THR C 229 17.78 10.77 4.82
N GLU C 230 18.71 10.24 4.00
CA GLU C 230 19.79 11.09 3.52
C GLU C 230 19.19 12.17 2.63
N PHE C 231 18.21 11.78 1.82
CA PHE C 231 17.59 12.73 0.94
C PHE C 231 16.69 13.67 1.66
N GLU C 232 15.96 13.16 2.66
CA GLU C 232 15.09 14.01 3.48
C GLU C 232 16.01 15.07 4.20
N ILE C 233 17.13 14.62 4.78
CA ILE C 233 18.05 15.56 5.46
C ILE C 233 18.52 16.67 4.56
N GLN C 234 18.94 16.29 3.37
CA GLN C 234 19.37 17.30 2.47
C GLN C 234 18.29 18.37 2.30
N ASN C 235 17.05 17.91 2.17
CA ASN C 235 15.95 18.82 2.02
C ASN C 235 15.81 19.72 3.25
N VAL C 236 15.94 19.11 4.41
CA VAL C 236 15.82 19.84 5.66
C VAL C 236 16.84 20.95 5.72
N ILE C 237 18.07 20.62 5.43
CA ILE C 237 19.10 21.64 5.48
C ILE C 237 18.79 22.74 4.50
N ALA C 238 18.42 22.38 3.30
CA ALA C 238 18.09 23.37 2.31
C ALA C 238 16.96 24.24 2.76
N SER C 239 16.02 23.67 3.45
CA SER C 239 14.91 24.46 3.86
C SER C 239 15.14 25.42 4.99
N VAL C 240 16.05 25.10 5.90
CA VAL C 240 16.29 25.97 7.03
C VAL C 240 17.23 27.08 6.65
N THR C 241 17.71 26.95 5.45
CA THR C 241 18.63 27.86 4.87
C THR C 241 17.91 28.80 3.95
N HIS C 242 16.69 28.53 3.75
CA HIS C 242 15.90 29.34 2.88
C HIS C 242 15.15 30.41 3.65
N PRO C 243 15.08 31.55 3.03
CA PRO C 243 14.40 32.70 3.56
C PRO C 243 13.11 32.41 4.31
N HIS C 244 12.27 31.59 3.73
CA HIS C 244 11.00 31.21 4.29
C HIS C 244 11.05 30.68 5.72
N PHE C 245 12.18 30.07 6.06
CA PHE C 245 12.33 29.49 7.37
C PHE C 245 12.12 30.30 8.65
N MET C 246 13.08 31.20 8.90
CA MET C 246 13.08 32.05 10.10
C MET C 246 11.78 32.67 10.55
N PRO C 247 11.11 33.26 9.59
CA PRO C 247 9.85 33.88 9.89
C PRO C 247 8.87 32.89 10.42
N CYS C 248 8.85 31.68 9.88
CA CYS C 248 7.91 30.69 10.39
C CYS C 248 8.26 30.36 11.83
N LEU C 249 9.59 30.23 12.03
CA LEU C 249 10.12 29.87 13.33
C LEU C 249 9.74 30.93 14.35
N THR C 250 10.30 32.07 14.05
CA THR C 250 10.13 33.26 14.80
C THR C 250 8.66 33.32 15.17
N ARG C 251 7.80 33.25 14.16
CA ARG C 251 6.37 33.27 14.41
C ARG C 251 5.93 32.24 15.37
N PHE C 252 6.34 31.00 15.18
CA PHE C 252 5.93 29.93 16.07
C PHE C 252 6.32 30.24 17.47
N LEU C 253 7.54 30.63 17.47
CA LEU C 253 8.22 30.98 18.66
C LEU C 253 7.41 32.06 19.36
N ASP C 254 7.13 33.11 18.58
CA ASP C 254 6.39 34.26 19.04
C ASP C 254 5.03 34.00 19.61
N GLY C 255 4.42 32.89 19.24
CA GLY C 255 3.09 32.56 19.75
C GLY C 255 2.12 32.02 18.72
N HIS C 256 2.36 32.37 17.46
CA HIS C 256 1.55 31.97 16.31
C HIS C 256 1.48 30.47 16.07
N ALA C 258 1.22 25.52 14.59
CA ALA C 258 1.83 24.71 13.53
C ALA C 258 0.92 23.57 13.10
N ASP C 259 -0.19 23.47 13.80
CA ASP C 259 -1.17 22.43 13.49
C ASP C 259 -2.28 23.03 12.62
N ARG C 260 -2.04 24.28 12.20
CA ARG C 260 -2.90 25.09 11.35
C ARG C 260 -2.90 24.49 9.92
N PRO C 261 -4.12 24.17 9.37
CA PRO C 261 -4.23 23.58 8.04
C PRO C 261 -3.71 24.52 6.96
N GLN C 262 -2.93 23.96 6.05
CA GLN C 262 -2.29 24.63 4.93
C GLN C 262 -3.22 24.67 3.74
N VAL C 263 -3.99 23.61 3.67
CA VAL C 263 -4.94 23.42 2.60
C VAL C 263 -6.14 22.80 3.26
N GLU C 264 -7.20 23.56 3.22
CA GLU C 264 -8.41 23.07 3.81
C GLU C 264 -9.13 22.30 2.74
N LEU C 265 -9.53 21.11 3.16
CA LEU C 265 -10.25 20.18 2.32
C LEU C 265 -11.61 20.00 2.96
N PRO C 266 -12.60 20.62 2.40
CA PRO C 266 -13.91 20.46 2.96
C PRO C 266 -14.27 18.99 3.08
N ALA C 267 -15.08 18.71 4.09
CA ALA C 267 -15.51 17.36 4.35
C ALA C 267 -16.27 16.76 3.21
N GLY C 268 -16.96 17.61 2.46
CA GLY C 268 -17.73 17.08 1.36
C GLY C 268 -18.71 15.99 1.83
N VAL C 269 -19.07 15.10 0.92
CA VAL C 269 -20.00 14.03 1.21
C VAL C 269 -19.37 12.64 1.12
#